data_4Z9C
#
_entry.id   4Z9C
#
_cell.length_a   160.900
_cell.length_b   160.900
_cell.length_c   62.640
_cell.angle_alpha   90.00
_cell.angle_beta   90.00
_cell.angle_gamma   120.00
#
_symmetry.space_group_name_H-M   'P 65'
#
loop_
_entity.id
_entity.type
_entity.pdbx_description
1 polymer 'Pertussis toxin-like subunit ArtA'
2 polymer 'Subtilase cytotoxin subunit B-like protein'
3 non-polymer 'PHOSPHATE ION'
4 water water
#
loop_
_entity_poly.entity_id
_entity_poly.type
_entity_poly.pdbx_seq_one_letter_code
_entity_poly.pdbx_strand_id
1 'polypeptide(L)'
;MLKMFILFLISFSWYANATDFVYRVDSRPPEEIFRDGFRSHGFNRNLQQHLRGDSCAAGSRDSAFIATTTSLIETYNIAR
QYYSSSGFHGRLYRYRIRANNIFYPIQPSVNYLTQRGITFSGFERIMMREQNEIVAVEHIPGENIVEAVELTYDRFNSQV
SDGPGTTNARYVPGSTFVNPGVIPQLVVPTVSVRERINAFGSLISACFALKGVRRDGLNKRATYYEPEFYDARGVLKEII
K
;
A
2 'polypeptide(L)'
;MADYDKYFSNVQINNLSYGVYTSGGKESQFFCIGIKRDNVTLPIHNMCKVDVFGSHKQGFDAMMEMAKYYYATGESIRVY
YKENVWSDSEFKKAFSTNELISLSTCSSSDYCMGPQKDTLEHHHHHH
;
B,C,D,E,F
#
# COMPACT_ATOMS: atom_id res chain seq x y z
N THR A 19 -21.88 -12.13 -24.97
CA THR A 19 -22.33 -11.27 -23.89
C THR A 19 -21.25 -10.76 -22.94
N ASP A 20 -20.41 -11.67 -22.45
CA ASP A 20 -19.27 -11.26 -21.65
C ASP A 20 -18.01 -11.14 -22.52
N PHE A 21 -17.50 -9.92 -22.67
CA PHE A 21 -16.30 -9.67 -23.45
C PHE A 21 -15.10 -9.29 -22.58
N VAL A 22 -13.90 -9.69 -23.00
CA VAL A 22 -12.67 -9.41 -22.24
C VAL A 22 -11.50 -8.97 -23.13
N TYR A 23 -10.41 -8.51 -22.51
CA TYR A 23 -9.30 -7.94 -23.28
C TYR A 23 -7.96 -8.52 -22.94
N ARG A 24 -7.05 -8.34 -23.87
CA ARG A 24 -5.67 -8.71 -23.71
C ARG A 24 -4.84 -7.91 -24.67
N VAL A 25 -3.76 -7.32 -24.18
CA VAL A 25 -2.85 -6.54 -25.00
C VAL A 25 -1.67 -7.40 -25.49
N ASP A 26 -1.32 -7.26 -26.77
CA ASP A 26 -0.23 -8.05 -27.34
C ASP A 26 0.51 -7.28 -28.43
N SER A 27 1.72 -7.73 -28.74
CA SER A 27 2.56 -7.05 -29.70
C SER A 27 2.47 -7.66 -31.10
N ARG A 28 1.83 -8.82 -31.19
CA ARG A 28 1.77 -9.55 -32.44
C ARG A 28 0.56 -9.11 -33.26
N PRO A 29 0.81 -8.74 -34.52
CA PRO A 29 -0.14 -8.23 -35.52
C PRO A 29 -1.49 -8.95 -35.56
N PRO A 30 -2.57 -8.21 -35.87
CA PRO A 30 -3.93 -8.75 -36.01
C PRO A 30 -3.96 -9.96 -36.92
N GLU A 31 -3.20 -9.86 -38.02
CA GLU A 31 -2.94 -10.98 -38.90
C GLU A 31 -2.72 -12.29 -38.15
N GLU A 32 -1.80 -12.27 -37.19
CA GLU A 32 -1.33 -13.49 -36.56
C GLU A 32 -2.23 -14.04 -35.46
N ILE A 33 -2.83 -13.18 -34.64
CA ILE A 33 -3.53 -13.76 -33.51
C ILE A 33 -5.01 -13.95 -33.84
N PHE A 34 -5.49 -13.31 -34.91
CA PHE A 34 -6.79 -13.69 -35.48
C PHE A 34 -6.76 -15.16 -35.91
N ARG A 35 -5.60 -15.53 -36.39
CA ARG A 35 -5.28 -16.85 -36.81
C ARG A 35 -5.08 -17.77 -35.64
N ASP A 36 -4.05 -17.49 -34.88
CA ASP A 36 -3.52 -18.36 -33.84
C ASP A 36 -4.19 -18.22 -32.47
N GLY A 37 -4.71 -17.04 -32.15
CA GLY A 37 -5.30 -16.82 -30.84
C GLY A 37 -4.25 -16.60 -29.76
N PHE A 38 -4.52 -17.09 -28.55
CA PHE A 38 -3.56 -17.03 -27.45
C PHE A 38 -3.37 -18.41 -26.84
N ARG A 39 -2.14 -18.71 -26.44
CA ARG A 39 -1.86 -19.99 -25.81
C ARG A 39 -1.20 -19.81 -24.45
N SER A 40 -1.61 -20.67 -23.51
CA SER A 40 -0.97 -20.76 -22.22
C SER A 40 0.43 -21.37 -22.35
N HIS A 41 1.25 -21.20 -21.33
CA HIS A 41 2.61 -21.70 -21.41
C HIS A 41 2.60 -23.22 -21.35
N GLY A 42 1.65 -23.77 -20.61
CA GLY A 42 1.61 -25.21 -20.40
C GLY A 42 0.28 -25.75 -19.91
N PHE A 43 0.34 -26.63 -18.92
CA PHE A 43 -0.85 -27.28 -18.40
C PHE A 43 -0.91 -27.28 -16.85
N ASN A 44 -0.04 -26.50 -16.22
CA ASN A 44 -0.05 -26.39 -14.76
C ASN A 44 -1.28 -25.65 -14.25
N ARG A 45 -2.13 -26.31 -13.47
CA ARG A 45 -3.34 -25.67 -12.98
C ARG A 45 -3.26 -25.33 -11.49
N ASN A 46 -2.03 -25.19 -10.99
CA ASN A 46 -1.82 -24.61 -9.68
C ASN A 46 -2.20 -23.15 -9.74
N LEU A 47 -3.46 -22.85 -9.41
CA LEU A 47 -4.01 -21.50 -9.63
C LEU A 47 -3.24 -20.42 -8.87
N GLN A 48 -2.91 -20.71 -7.62
CA GLN A 48 -2.19 -19.75 -6.80
C GLN A 48 -0.84 -19.41 -7.46
N GLN A 49 -0.21 -20.42 -8.02
CA GLN A 49 1.11 -20.25 -8.64
C GLN A 49 0.99 -19.35 -9.87
N HIS A 50 -0.15 -19.40 -10.54
CA HIS A 50 -0.39 -18.55 -11.68
C HIS A 50 -0.75 -17.14 -11.26
N LEU A 51 -1.65 -17.01 -10.31
CA LEU A 51 -2.03 -15.70 -9.79
C LEU A 51 -0.86 -14.92 -9.20
N ARG A 52 0.20 -15.61 -8.78
CA ARG A 52 1.39 -14.93 -8.28
C ARG A 52 2.33 -14.48 -9.40
N GLY A 53 1.98 -14.83 -10.63
CA GLY A 53 2.78 -14.41 -11.77
C GLY A 53 4.02 -15.26 -11.90
N ASP A 54 4.07 -16.34 -11.13
CA ASP A 54 5.19 -17.25 -11.14
C ASP A 54 5.14 -18.18 -12.35
N SER A 55 4.13 -19.01 -12.36
CA SER A 55 3.91 -19.99 -13.38
C SER A 55 3.65 -19.41 -14.73
N CYS A 56 3.19 -18.19 -14.76
CA CYS A 56 2.79 -17.58 -15.99
C CYS A 56 3.79 -16.60 -16.50
N ALA A 57 4.72 -16.18 -15.67
CA ALA A 57 5.64 -15.17 -16.13
C ALA A 57 7.06 -15.23 -15.61
N ALA A 58 7.21 -15.02 -14.33
CA ALA A 58 8.49 -15.00 -13.65
C ALA A 58 9.35 -16.22 -13.46
N GLY A 59 8.75 -17.37 -13.27
CA GLY A 59 9.49 -18.55 -12.88
C GLY A 59 9.49 -19.53 -14.02
N SER A 60 9.24 -20.80 -13.72
CA SER A 60 9.14 -21.81 -14.77
C SER A 60 7.82 -21.67 -15.55
N ARG A 61 7.88 -20.98 -16.69
CA ARG A 61 6.67 -20.62 -17.46
C ARG A 61 5.94 -21.85 -17.98
N ASP A 62 4.89 -22.26 -17.27
CA ASP A 62 4.13 -23.45 -17.65
C ASP A 62 2.64 -23.40 -17.27
N SER A 63 2.15 -22.21 -16.94
CA SER A 63 0.76 -22.04 -16.48
C SER A 63 -0.30 -22.50 -17.49
N ALA A 64 -1.39 -23.08 -16.99
CA ALA A 64 -2.47 -23.55 -17.86
C ALA A 64 -3.44 -22.43 -18.19
N PHE A 65 -3.17 -21.24 -17.67
CA PHE A 65 -4.13 -20.15 -17.74
C PHE A 65 -3.68 -18.94 -18.53
N ILE A 66 -4.61 -18.32 -19.25
CA ILE A 66 -4.37 -17.06 -19.91
C ILE A 66 -5.16 -15.96 -19.24
N ALA A 67 -4.46 -14.96 -18.74
CA ALA A 67 -5.10 -13.81 -18.10
C ALA A 67 -5.79 -12.91 -19.12
N THR A 68 -7.01 -12.49 -18.79
CA THR A 68 -7.64 -11.42 -19.54
C THR A 68 -8.26 -10.45 -18.54
N THR A 69 -8.59 -9.26 -19.01
CA THR A 69 -9.24 -8.28 -18.15
C THR A 69 -10.50 -7.72 -18.81
N THR A 70 -11.45 -7.31 -17.97
CA THR A 70 -12.71 -6.74 -18.45
C THR A 70 -12.61 -5.23 -18.49
N SER A 71 -11.44 -4.73 -18.10
CA SER A 71 -11.19 -3.31 -17.91
C SER A 71 -10.43 -2.69 -19.07
N LEU A 72 -11.10 -1.82 -19.80
CA LEU A 72 -10.48 -1.02 -20.84
C LEU A 72 -9.30 -0.25 -20.23
N ILE A 73 -9.55 0.43 -19.12
CA ILE A 73 -8.55 1.23 -18.43
C ILE A 73 -7.29 0.45 -18.11
N GLU A 74 -7.47 -0.80 -17.69
CA GLU A 74 -6.33 -1.65 -17.41
C GLU A 74 -5.49 -1.87 -18.67
N THR A 75 -6.12 -2.07 -19.83
CA THR A 75 -5.36 -2.30 -21.07
C THR A 75 -4.46 -1.12 -21.38
N TYR A 76 -4.96 0.09 -21.16
CA TYR A 76 -4.14 1.29 -21.32
C TYR A 76 -2.97 1.39 -20.31
N ASN A 77 -3.20 0.91 -19.10
CA ASN A 77 -2.13 0.88 -18.11
C ASN A 77 -1.04 -0.13 -18.47
N ILE A 78 -1.45 -1.30 -18.95
CA ILE A 78 -0.47 -2.26 -19.45
C ILE A 78 0.38 -1.67 -20.59
N ALA A 79 -0.30 -1.16 -21.61
CA ALA A 79 0.38 -0.58 -22.78
C ALA A 79 1.40 0.50 -22.40
N ARG A 80 1.05 1.33 -21.41
CA ARG A 80 1.90 2.43 -20.99
C ARG A 80 3.28 1.93 -20.52
N GLN A 81 3.30 0.78 -19.85
CA GLN A 81 4.53 0.26 -19.29
C GLN A 81 5.57 -0.14 -20.35
N TYR A 82 5.12 -0.41 -21.58
CA TYR A 82 6.05 -0.71 -22.68
C TYR A 82 6.40 0.55 -23.45
N TYR A 83 5.39 1.23 -23.99
CA TYR A 83 5.60 2.41 -24.81
C TYR A 83 6.44 3.49 -24.09
N SER A 84 6.32 3.56 -22.77
CA SER A 84 6.96 4.63 -21.99
C SER A 84 8.46 4.43 -21.92
N SER A 85 8.93 3.26 -22.35
CA SER A 85 10.35 2.97 -22.39
C SER A 85 10.91 3.09 -23.80
N SER A 86 12.10 3.68 -23.91
CA SER A 86 12.78 3.79 -25.21
C SER A 86 13.28 2.42 -25.65
N GLY A 87 13.24 1.46 -24.73
CA GLY A 87 13.70 0.12 -25.01
C GLY A 87 12.75 -0.65 -25.91
N PHE A 88 11.48 -0.26 -25.93
CA PHE A 88 10.45 -1.03 -26.64
C PHE A 88 10.31 -0.60 -28.10
N HIS A 89 10.62 -1.51 -29.02
CA HIS A 89 10.63 -1.17 -30.45
C HIS A 89 9.40 -1.67 -31.18
N GLY A 90 8.56 -2.45 -30.51
CA GLY A 90 7.43 -3.06 -31.18
C GLY A 90 6.22 -2.14 -31.32
N ARG A 91 5.09 -2.73 -31.68
CA ARG A 91 3.80 -2.06 -31.59
C ARG A 91 2.87 -2.85 -30.69
N LEU A 92 1.78 -2.23 -30.24
CA LEU A 92 0.82 -2.91 -29.37
C LEU A 92 -0.60 -2.77 -29.87
N TYR A 93 -1.38 -3.83 -29.67
CA TYR A 93 -2.78 -3.83 -30.05
C TYR A 93 -3.62 -4.29 -28.88
N ARG A 94 -4.77 -3.65 -28.71
CA ARG A 94 -5.75 -4.15 -27.76
C ARG A 94 -6.64 -5.15 -28.46
N TYR A 95 -6.71 -6.36 -27.90
CA TYR A 95 -7.50 -7.41 -28.52
C TYR A 95 -8.77 -7.67 -27.70
N ARG A 96 -9.91 -7.61 -28.39
CA ARG A 96 -11.20 -7.85 -27.76
C ARG A 96 -11.67 -9.27 -28.01
N ILE A 97 -12.08 -9.95 -26.93
CA ILE A 97 -12.31 -11.39 -26.96
C ILE A 97 -13.68 -11.75 -26.35
N ARG A 98 -14.42 -12.65 -26.99
CA ARG A 98 -15.68 -13.12 -26.43
C ARG A 98 -15.42 -14.27 -25.47
N ALA A 99 -15.85 -14.12 -24.23
CA ALA A 99 -15.70 -15.19 -23.24
C ALA A 99 -16.80 -16.24 -23.39
N ASN A 100 -16.49 -17.48 -22.99
CA ASN A 100 -17.48 -18.54 -22.93
C ASN A 100 -17.18 -19.55 -21.83
N ASN A 101 -17.68 -20.76 -22.03
CA ASN A 101 -17.63 -21.82 -21.03
C ASN A 101 -16.23 -22.33 -20.68
N ILE A 102 -15.18 -21.76 -21.28
CA ILE A 102 -13.81 -22.07 -20.84
C ILE A 102 -13.09 -20.84 -20.28
N PHE A 103 -13.81 -19.72 -20.18
CA PHE A 103 -13.34 -18.57 -19.42
C PHE A 103 -13.89 -18.69 -18.01
N TYR A 104 -13.04 -18.45 -17.02
CA TYR A 104 -13.44 -18.60 -15.62
C TYR A 104 -13.10 -17.34 -14.87
N PRO A 105 -13.97 -16.94 -13.93
CA PRO A 105 -13.63 -15.92 -12.92
C PRO A 105 -12.98 -16.64 -11.75
N ILE A 106 -12.08 -15.94 -11.06
CA ILE A 106 -11.23 -16.56 -10.06
C ILE A 106 -11.91 -16.84 -8.72
N GLN A 107 -12.91 -16.01 -8.38
CA GLN A 107 -13.51 -16.11 -7.04
C GLN A 107 -14.04 -17.52 -6.70
N PRO A 108 -14.88 -18.12 -7.58
CA PRO A 108 -15.39 -19.46 -7.22
C PRO A 108 -14.26 -20.49 -7.03
N SER A 109 -13.20 -20.37 -7.82
CA SER A 109 -12.06 -21.26 -7.66
C SER A 109 -11.31 -20.98 -6.36
N VAL A 110 -11.26 -19.71 -5.96
CA VAL A 110 -10.61 -19.35 -4.71
C VAL A 110 -11.37 -19.96 -3.54
N ASN A 111 -12.68 -19.76 -3.49
CA ASN A 111 -13.52 -20.41 -2.48
C ASN A 111 -13.30 -21.92 -2.46
N TYR A 112 -13.31 -22.54 -3.64
CA TYR A 112 -13.10 -23.97 -3.78
C TYR A 112 -11.78 -24.40 -3.14
N LEU A 113 -10.75 -23.58 -3.32
CA LEU A 113 -9.45 -23.86 -2.75
C LEU A 113 -9.37 -23.56 -1.25
N THR A 114 -10.11 -22.57 -0.77
CA THR A 114 -9.83 -22.08 0.58
C THR A 114 -10.40 -22.93 1.72
N GLN A 115 -11.43 -23.73 1.47
CA GLN A 115 -11.84 -24.72 2.48
C GLN A 115 -11.28 -26.09 2.13
N ARG A 116 -10.40 -26.09 1.14
CA ARG A 116 -9.47 -27.20 0.97
C ARG A 116 -8.14 -26.79 1.57
N GLY A 117 -8.19 -25.82 2.47
CA GLY A 117 -7.03 -25.46 3.28
C GLY A 117 -6.06 -24.47 2.67
N ILE A 118 -6.11 -24.32 1.36
CA ILE A 118 -5.27 -23.35 0.68
C ILE A 118 -5.64 -21.92 1.14
N THR A 119 -4.65 -21.14 1.55
CA THR A 119 -4.85 -19.77 2.05
C THR A 119 -4.47 -18.68 1.04
N PHE A 120 -5.35 -17.69 0.86
CA PHE A 120 -5.05 -16.49 0.08
C PHE A 120 -4.95 -15.31 1.02
N SER A 121 -3.82 -14.64 1.03
CA SER A 121 -3.61 -13.59 1.99
C SER A 121 -4.44 -12.38 1.60
N GLY A 122 -4.60 -11.45 2.55
CA GLY A 122 -5.26 -10.19 2.29
C GLY A 122 -4.61 -9.47 1.15
N PHE A 123 -3.27 -9.52 1.12
CA PHE A 123 -2.49 -8.80 0.13
C PHE A 123 -2.72 -9.43 -1.27
N GLU A 124 -2.78 -10.76 -1.34
CA GLU A 124 -3.15 -11.44 -2.58
C GLU A 124 -4.54 -11.01 -3.04
N ARG A 125 -5.50 -11.02 -2.10
CA ARG A 125 -6.88 -10.65 -2.45
C ARG A 125 -6.93 -9.18 -2.87
N ILE A 126 -6.08 -8.32 -2.31
CA ILE A 126 -6.05 -6.92 -2.78
C ILE A 126 -5.57 -6.85 -4.22
N MET A 127 -4.48 -7.58 -4.45
CA MET A 127 -3.90 -7.72 -5.78
C MET A 127 -4.96 -8.18 -6.79
N MET A 128 -5.59 -9.32 -6.53
CA MET A 128 -6.61 -9.87 -7.42
C MET A 128 -7.71 -8.86 -7.69
N ARG A 129 -8.09 -8.11 -6.68
CA ARG A 129 -9.23 -7.20 -6.83
C ARG A 129 -8.88 -6.02 -7.74
N GLU A 130 -7.59 -5.78 -7.98
CA GLU A 130 -7.19 -4.68 -8.86
C GLU A 130 -7.13 -5.10 -10.34
N GLN A 131 -7.14 -6.40 -10.62
CA GLN A 131 -6.90 -6.89 -11.99
C GLN A 131 -8.13 -6.93 -12.90
N ASN A 132 -9.32 -6.95 -12.31
CA ASN A 132 -10.56 -7.24 -13.05
C ASN A 132 -10.37 -8.45 -13.97
N GLU A 133 -9.86 -9.55 -13.43
CA GLU A 133 -9.35 -10.56 -14.34
C GLU A 133 -10.30 -11.73 -14.58
N ILE A 134 -10.22 -12.27 -15.78
CA ILE A 134 -10.91 -13.50 -16.13
C ILE A 134 -9.87 -14.41 -16.78
N VAL A 135 -9.76 -15.64 -16.31
CA VAL A 135 -8.78 -16.53 -16.93
C VAL A 135 -9.42 -17.53 -17.88
N ALA A 136 -8.68 -17.87 -18.92
CA ALA A 136 -9.07 -18.79 -19.95
C ALA A 136 -8.15 -19.98 -19.87
N VAL A 137 -8.65 -21.19 -20.07
CA VAL A 137 -7.76 -22.32 -19.99
C VAL A 137 -7.15 -22.79 -21.29
N GLU A 138 -5.83 -22.85 -21.27
CA GLU A 138 -5.02 -23.40 -22.31
C GLU A 138 -5.07 -22.66 -23.59
N HIS A 139 -6.23 -22.52 -24.17
CA HIS A 139 -6.27 -21.84 -25.45
C HIS A 139 -7.45 -20.96 -25.67
N ILE A 140 -7.24 -19.84 -26.35
CA ILE A 140 -8.34 -19.00 -26.72
C ILE A 140 -8.25 -19.01 -28.21
N PRO A 141 -9.28 -19.53 -28.87
CA PRO A 141 -9.28 -19.66 -30.33
C PRO A 141 -9.38 -18.30 -31.01
N GLY A 142 -8.85 -18.19 -32.22
CA GLY A 142 -8.87 -16.95 -32.95
C GLY A 142 -10.27 -16.50 -33.35
N GLU A 143 -11.21 -17.45 -33.29
CA GLU A 143 -12.60 -17.19 -33.67
C GLU A 143 -13.41 -16.53 -32.53
N ASN A 144 -12.77 -16.35 -31.37
CA ASN A 144 -13.40 -15.61 -30.27
C ASN A 144 -12.93 -14.17 -30.23
N ILE A 145 -11.99 -13.83 -31.11
CA ILE A 145 -11.38 -12.52 -31.10
C ILE A 145 -12.07 -11.62 -32.14
N VAL A 146 -12.88 -10.69 -31.63
CA VAL A 146 -13.69 -9.85 -32.50
C VAL A 146 -12.87 -8.92 -33.36
N GLU A 147 -12.01 -8.14 -32.71
CA GLU A 147 -11.32 -7.06 -33.38
C GLU A 147 -9.98 -6.76 -32.73
N ALA A 148 -9.26 -5.82 -33.34
CA ALA A 148 -7.98 -5.39 -32.83
C ALA A 148 -7.88 -3.89 -32.98
N VAL A 149 -7.36 -3.21 -31.98
CA VAL A 149 -7.13 -1.78 -32.13
C VAL A 149 -5.66 -1.47 -31.90
N GLU A 150 -5.04 -0.85 -32.89
CA GLU A 150 -3.65 -0.50 -32.73
C GLU A 150 -3.54 0.63 -31.71
N LEU A 151 -2.68 0.44 -30.72
CA LEU A 151 -2.49 1.50 -29.75
C LEU A 151 -1.34 2.38 -30.19
N THR A 152 -1.55 3.70 -30.18
CA THR A 152 -0.50 4.63 -30.54
C THR A 152 -0.02 5.38 -29.28
N TYR A 153 1.30 5.39 -29.05
CA TYR A 153 1.89 6.19 -27.98
C TYR A 153 2.37 7.57 -28.51
N ASP A 154 2.28 8.57 -27.64
CA ASP A 154 2.56 10.00 -27.89
C ASP A 154 3.27 10.58 -26.70
N ARG A 155 4.54 11.02 -26.86
CA ARG A 155 5.37 11.36 -25.69
C ARG A 155 5.22 12.86 -25.41
N PHE A 156 4.78 13.52 -26.46
CA PHE A 156 4.20 14.84 -26.39
C PHE A 156 3.41 15.05 -25.10
N ASN A 157 2.59 14.10 -24.65
CA ASN A 157 1.88 14.47 -23.45
C ASN A 157 1.81 13.18 -22.69
N SER A 158 2.56 12.25 -23.21
CA SER A 158 2.73 10.89 -22.67
C SER A 158 1.40 10.17 -22.51
N GLN A 159 0.61 10.14 -23.59
CA GLN A 159 -0.72 9.53 -23.56
C GLN A 159 -0.89 8.47 -24.66
N VAL A 160 -1.57 7.39 -24.30
CA VAL A 160 -1.86 6.30 -25.20
C VAL A 160 -3.17 6.55 -25.94
N SER A 161 -3.17 6.33 -27.25
CA SER A 161 -4.36 6.62 -28.03
C SER A 161 -4.76 5.40 -28.84
N ASP A 162 -6.02 5.38 -29.24
CA ASP A 162 -6.48 4.36 -30.16
C ASP A 162 -6.07 4.74 -31.57
N GLY A 163 -5.27 3.89 -32.21
CA GLY A 163 -4.97 4.04 -33.61
C GLY A 163 -6.03 3.29 -34.40
N PRO A 164 -5.65 2.76 -35.58
CA PRO A 164 -6.57 2.10 -36.52
C PRO A 164 -7.22 0.85 -35.94
N GLY A 165 -8.46 0.57 -36.34
CA GLY A 165 -9.20 -0.57 -35.84
C GLY A 165 -9.36 -1.69 -36.86
N THR A 166 -8.88 -2.88 -36.52
CA THR A 166 -8.93 -4.02 -37.42
C THR A 166 -9.99 -5.03 -37.00
N THR A 167 -10.85 -5.44 -37.94
CA THR A 167 -11.87 -6.43 -37.62
C THR A 167 -11.46 -7.82 -38.05
N ASN A 168 -11.65 -8.79 -37.17
CA ASN A 168 -11.39 -10.17 -37.51
C ASN A 168 -12.51 -10.72 -38.36
N ALA A 169 -12.19 -11.02 -39.61
CA ALA A 169 -13.18 -11.55 -40.55
C ALA A 169 -13.58 -12.96 -40.14
N ARG A 170 -12.69 -13.61 -39.38
CA ARG A 170 -12.85 -15.01 -38.98
C ARG A 170 -13.64 -15.14 -37.68
N TYR A 171 -13.96 -14.00 -37.06
CA TYR A 171 -14.69 -14.00 -35.80
C TYR A 171 -16.04 -14.71 -35.89
N VAL A 172 -16.33 -15.55 -34.90
CA VAL A 172 -17.62 -16.24 -34.81
C VAL A 172 -18.51 -15.60 -33.75
N PRO A 173 -19.60 -14.95 -34.18
CA PRO A 173 -20.60 -14.37 -33.28
C PRO A 173 -21.17 -15.39 -32.28
N GLY A 174 -21.75 -14.90 -31.20
CA GLY A 174 -22.27 -15.78 -30.17
C GLY A 174 -22.76 -15.10 -28.91
N SER A 175 -23.87 -15.61 -28.40
CA SER A 175 -24.45 -15.14 -27.14
C SER A 175 -24.02 -16.10 -26.03
N THR A 176 -22.83 -15.86 -25.50
CA THR A 176 -22.23 -16.73 -24.50
C THR A 176 -21.56 -15.93 -23.41
N PHE A 177 -21.57 -16.47 -22.20
CA PHE A 177 -20.98 -15.79 -21.07
C PHE A 177 -19.89 -16.63 -20.40
N VAL A 178 -19.14 -15.97 -19.54
CA VAL A 178 -18.19 -16.59 -18.61
C VAL A 178 -18.74 -17.81 -17.85
N ASN A 179 -17.93 -18.85 -17.73
CA ASN A 179 -18.28 -20.02 -16.92
C ASN A 179 -18.42 -19.66 -15.44
N PRO A 180 -19.63 -19.77 -14.87
CA PRO A 180 -19.86 -19.29 -13.51
C PRO A 180 -19.36 -20.22 -12.39
N GLY A 181 -18.79 -21.36 -12.77
CA GLY A 181 -18.39 -22.38 -11.82
C GLY A 181 -16.89 -22.41 -11.54
N VAL A 182 -16.44 -23.52 -10.95
CA VAL A 182 -15.04 -23.71 -10.58
C VAL A 182 -14.21 -24.25 -11.75
N ILE A 183 -12.96 -23.80 -11.86
CA ILE A 183 -12.04 -24.39 -12.84
C ILE A 183 -11.83 -25.86 -12.54
N PRO A 184 -12.07 -26.72 -13.55
CA PRO A 184 -11.96 -28.18 -13.39
C PRO A 184 -10.55 -28.63 -13.10
N GLN A 185 -10.39 -29.85 -12.57
CA GLN A 185 -9.10 -30.45 -12.22
C GLN A 185 -8.07 -29.42 -11.74
N LEU A 186 -8.48 -28.63 -10.76
CA LEU A 186 -7.63 -27.63 -10.16
C LEU A 186 -6.56 -28.32 -9.34
N VAL A 187 -5.31 -27.85 -9.44
CA VAL A 187 -4.25 -28.37 -8.58
C VAL A 187 -4.42 -27.81 -7.18
N VAL A 188 -4.48 -28.70 -6.20
CA VAL A 188 -4.59 -28.28 -4.81
C VAL A 188 -3.33 -28.71 -4.05
N PRO A 189 -2.40 -27.75 -3.84
CA PRO A 189 -1.03 -27.94 -3.33
C PRO A 189 -0.90 -28.58 -1.95
N THR A 190 0.19 -29.30 -1.78
CA THR A 190 0.52 -29.88 -0.50
C THR A 190 1.38 -28.94 0.32
N VAL A 191 1.97 -27.94 -0.33
CA VAL A 191 2.84 -26.99 0.36
C VAL A 191 2.49 -25.54 0.07
N SER A 192 1.40 -25.06 0.65
CA SER A 192 0.93 -23.70 0.45
C SER A 192 1.58 -22.70 1.39
N VAL A 193 2.45 -21.86 0.86
CA VAL A 193 3.09 -20.85 1.67
C VAL A 193 2.97 -19.52 0.99
N ARG A 194 3.34 -18.48 1.72
CA ARG A 194 3.30 -17.13 1.24
C ARG A 194 4.55 -16.88 0.41
N GLU A 195 4.36 -16.32 -0.78
CA GLU A 195 5.42 -16.07 -1.73
C GLU A 195 5.25 -14.77 -2.51
N ARG A 196 6.35 -14.36 -3.13
CA ARG A 196 6.42 -13.16 -3.95
C ARG A 196 5.20 -12.98 -4.83
N ILE A 197 4.68 -11.77 -4.96
CA ILE A 197 3.60 -11.48 -5.90
C ILE A 197 4.16 -10.66 -7.06
N ASN A 198 4.40 -11.31 -8.20
CA ASN A 198 5.06 -10.66 -9.32
C ASN A 198 4.14 -9.70 -10.04
N ALA A 199 4.55 -8.44 -10.10
CA ALA A 199 3.73 -7.40 -10.70
C ALA A 199 4.58 -6.42 -11.48
N PHE A 200 3.94 -5.55 -12.24
CA PHE A 200 4.63 -4.44 -12.90
C PHE A 200 3.68 -3.26 -13.01
N GLY A 201 4.21 -2.09 -13.35
CA GLY A 201 3.38 -0.91 -13.55
C GLY A 201 2.61 -0.59 -12.29
N SER A 202 1.35 -0.20 -12.43
CA SER A 202 0.51 0.14 -11.30
C SER A 202 -0.22 -1.10 -10.77
N LEU A 203 0.52 -1.93 -10.03
CA LEU A 203 0.00 -3.17 -9.46
C LEU A 203 -0.74 -4.01 -10.49
N ILE A 204 -0.11 -4.20 -11.65
CA ILE A 204 -0.60 -5.10 -12.68
C ILE A 204 0.01 -6.48 -12.52
N SER A 205 -0.82 -7.51 -12.41
CA SER A 205 -0.26 -8.86 -12.35
C SER A 205 0.68 -9.17 -13.52
N ALA A 206 1.69 -9.95 -13.25
CA ALA A 206 2.67 -10.29 -14.26
C ALA A 206 2.08 -11.16 -15.37
N CYS A 207 0.99 -11.83 -15.09
CA CYS A 207 0.38 -12.63 -16.10
C CYS A 207 -0.18 -11.83 -17.28
N PHE A 208 -0.27 -10.52 -17.13
CA PHE A 208 -0.79 -9.66 -18.15
C PHE A 208 0.28 -9.11 -19.01
N ALA A 209 1.53 -9.44 -18.73
CA ALA A 209 2.61 -8.96 -19.56
C ALA A 209 2.70 -9.86 -20.77
N LEU A 210 3.43 -9.42 -21.77
CA LEU A 210 3.61 -10.19 -22.99
C LEU A 210 4.05 -11.60 -22.71
N LYS A 211 4.98 -11.75 -21.80
CA LYS A 211 5.49 -13.08 -21.46
C LYS A 211 4.45 -13.95 -20.74
N GLY A 212 3.26 -13.39 -20.48
CA GLY A 212 2.13 -14.13 -19.89
C GLY A 212 1.59 -15.29 -20.75
N VAL A 213 1.84 -15.22 -22.05
CA VAL A 213 1.37 -16.25 -22.97
C VAL A 213 2.55 -16.81 -23.75
N ARG A 214 2.37 -17.94 -24.42
CA ARG A 214 3.43 -18.43 -25.32
C ARG A 214 3.68 -17.41 -26.42
N ARG A 215 4.95 -17.11 -26.65
CA ARG A 215 5.36 -16.11 -27.63
C ARG A 215 6.01 -16.80 -28.83
N ASP A 216 6.24 -16.03 -29.89
CA ASP A 216 6.92 -16.55 -31.08
C ASP A 216 8.43 -16.60 -30.87
N GLY A 217 9.07 -17.68 -31.31
CA GLY A 217 10.49 -17.79 -31.07
C GLY A 217 11.37 -18.37 -32.15
N LEU A 218 10.93 -18.30 -33.40
CA LEU A 218 11.73 -18.88 -34.49
C LEU A 218 13.01 -18.07 -34.79
N ASN A 219 12.92 -16.74 -34.80
CA ASN A 219 14.11 -15.89 -34.97
C ASN A 219 14.92 -15.88 -33.69
N LYS A 220 15.99 -16.63 -33.68
CA LYS A 220 16.85 -16.79 -32.53
C LYS A 220 17.71 -15.59 -32.16
N ARG A 221 17.81 -14.62 -33.04
CA ARG A 221 18.56 -13.40 -32.74
C ARG A 221 17.68 -12.33 -32.09
N ALA A 222 16.38 -12.42 -32.31
CA ALA A 222 15.44 -11.38 -31.88
C ALA A 222 15.31 -11.28 -30.36
N THR A 223 15.13 -10.06 -29.87
CA THR A 223 14.76 -9.81 -28.48
C THR A 223 13.66 -8.73 -28.43
N TYR A 224 12.90 -8.66 -27.35
CA TYR A 224 11.98 -7.53 -27.15
C TYR A 224 11.95 -7.06 -25.67
N TYR A 225 11.41 -5.87 -25.45
CA TYR A 225 11.45 -5.24 -24.15
C TYR A 225 10.35 -5.72 -23.22
N GLU A 226 10.73 -6.27 -22.06
CA GLU A 226 9.80 -6.43 -20.94
C GLU A 226 10.12 -5.36 -19.92
N PRO A 227 9.09 -4.78 -19.26
CA PRO A 227 9.37 -3.78 -18.23
C PRO A 227 9.92 -4.37 -16.96
N GLU A 228 10.19 -3.48 -16.00
CA GLU A 228 10.54 -3.78 -14.62
C GLU A 228 9.46 -4.53 -13.83
N PHE A 229 9.74 -5.76 -13.41
CA PHE A 229 8.88 -6.46 -12.44
C PHE A 229 9.38 -6.27 -11.00
N TYR A 230 8.45 -6.37 -10.05
CA TYR A 230 8.72 -6.21 -8.61
C TYR A 230 7.78 -7.10 -7.74
N ASP A 231 8.09 -7.24 -6.46
CA ASP A 231 7.22 -7.96 -5.54
C ASP A 231 6.14 -7.00 -5.02
N ALA A 232 4.89 -7.32 -5.33
CA ALA A 232 3.76 -6.50 -4.88
C ALA A 232 3.62 -6.46 -3.35
N ARG A 233 4.16 -7.46 -2.65
CA ARG A 233 4.09 -7.46 -1.17
C ARG A 233 4.72 -6.19 -0.60
N GLY A 234 5.78 -5.71 -1.24
CA GLY A 234 6.47 -4.53 -0.76
C GLY A 234 5.65 -3.29 -1.04
N VAL A 235 5.16 -3.19 -2.25
CA VAL A 235 4.37 -2.03 -2.66
C VAL A 235 3.07 -1.94 -1.84
N LEU A 236 2.36 -3.06 -1.68
CA LEU A 236 1.15 -3.09 -0.86
C LEU A 236 1.47 -2.73 0.60
N LYS A 237 2.64 -3.15 1.11
CA LYS A 237 3.00 -2.82 2.49
C LYS A 237 3.12 -1.30 2.66
N GLU A 238 3.51 -0.63 1.58
CA GLU A 238 3.69 0.82 1.58
C GLU A 238 2.44 1.64 1.31
N ILE A 239 1.35 1.02 0.84
CA ILE A 239 0.13 1.80 0.65
C ILE A 239 -0.97 1.33 1.61
N ILE A 240 -0.69 0.27 2.38
CA ILE A 240 -1.59 -0.13 3.47
C ILE A 240 -0.89 -0.11 4.85
N LYS A 241 -1.20 0.96 5.61
CA LYS A 241 -0.97 1.08 7.06
C LYS A 241 -1.28 2.51 7.51
N ALA B 2 -18.35 24.46 0.70
CA ALA B 2 -17.16 24.95 -0.01
C ALA B 2 -17.32 24.83 -1.53
N ASP B 3 -16.24 25.11 -2.24
CA ASP B 3 -16.27 25.10 -3.71
C ASP B 3 -15.76 23.78 -4.31
N TYR B 4 -16.70 22.86 -4.49
CA TYR B 4 -16.44 21.56 -5.10
C TYR B 4 -17.06 21.52 -6.48
N ASP B 5 -17.10 22.66 -7.14
CA ASP B 5 -17.80 22.77 -8.42
C ASP B 5 -16.92 22.32 -9.59
N LYS B 6 -15.61 22.38 -9.43
CA LYS B 6 -14.69 22.00 -10.50
C LYS B 6 -14.02 20.65 -10.26
N TYR B 7 -14.19 19.73 -11.20
CA TYR B 7 -13.64 18.38 -11.06
C TYR B 7 -13.51 17.62 -12.39
N PHE B 8 -12.69 16.58 -12.39
CA PHE B 8 -12.60 15.66 -13.51
C PHE B 8 -12.99 14.26 -13.10
N SER B 9 -13.90 13.64 -13.86
CA SER B 9 -14.40 12.31 -13.50
C SER B 9 -13.72 11.22 -14.30
N ASN B 10 -13.57 10.05 -13.69
CA ASN B 10 -13.02 8.87 -14.36
C ASN B 10 -11.64 9.14 -14.95
N VAL B 11 -10.72 9.64 -14.13
CA VAL B 11 -9.35 9.91 -14.52
C VAL B 11 -8.44 9.02 -13.68
N GLN B 12 -7.18 8.93 -14.05
CA GLN B 12 -6.22 8.19 -13.25
C GLN B 12 -5.01 9.06 -12.92
N ILE B 13 -4.35 8.76 -11.82
CA ILE B 13 -3.10 9.44 -11.51
C ILE B 13 -1.97 8.73 -12.28
N ASN B 14 -1.27 9.45 -13.15
CA ASN B 14 -0.13 8.86 -13.86
C ASN B 14 1.22 9.51 -13.49
N ASN B 15 1.21 10.47 -12.56
CA ASN B 15 2.47 11.06 -12.07
C ASN B 15 2.36 11.58 -10.65
N LEU B 16 3.45 11.49 -9.88
CA LEU B 16 3.52 12.06 -8.53
C LEU B 16 4.76 12.92 -8.40
N SER B 17 4.67 13.87 -7.48
CA SER B 17 5.76 14.76 -7.19
C SER B 17 5.69 15.18 -5.73
N TYR B 18 6.80 15.13 -5.01
CA TYR B 18 6.88 15.70 -3.67
C TYR B 18 8.19 16.48 -3.52
N GLY B 19 8.17 17.57 -2.77
CA GLY B 19 9.38 18.32 -2.54
C GLY B 19 9.37 19.35 -1.42
N VAL B 20 10.57 19.82 -1.09
CA VAL B 20 10.80 20.85 -0.09
C VAL B 20 11.51 22.01 -0.74
N TYR B 21 11.08 23.23 -0.43
CA TYR B 21 11.68 24.42 -1.00
C TYR B 21 11.61 25.63 -0.07
N THR B 22 12.49 26.60 -0.29
CA THR B 22 12.36 27.88 0.41
C THR B 22 11.92 28.90 -0.64
N SER B 23 10.89 29.67 -0.33
CA SER B 23 10.41 30.75 -1.20
C SER B 23 9.82 31.87 -0.36
N GLY B 24 10.04 33.13 -0.75
CA GLY B 24 9.53 34.24 0.03
C GLY B 24 10.01 34.32 1.47
N GLY B 25 10.90 33.40 1.87
CA GLY B 25 11.60 33.49 3.14
C GLY B 25 11.34 32.40 4.15
N LYS B 26 10.42 31.51 3.81
CA LYS B 26 10.07 30.39 4.67
C LYS B 26 10.12 29.03 3.98
N GLU B 27 10.22 27.99 4.80
CA GLU B 27 10.34 26.64 4.31
C GLU B 27 8.95 26.01 4.13
N SER B 28 8.78 25.36 2.98
CA SER B 28 7.52 24.77 2.57
C SER B 28 7.63 23.32 2.10
N GLN B 29 6.46 22.71 1.97
CA GLN B 29 6.28 21.35 1.50
C GLN B 29 5.34 21.39 0.33
N PHE B 30 5.53 20.56 -0.68
CA PHE B 30 4.50 20.45 -1.72
C PHE B 30 4.41 19.02 -2.24
N PHE B 31 3.24 18.65 -2.74
CA PHE B 31 3.12 17.44 -3.54
C PHE B 31 2.16 17.67 -4.71
N CYS B 32 2.43 17.03 -5.83
CA CYS B 32 1.61 17.20 -7.01
C CYS B 32 1.21 15.88 -7.63
N ILE B 33 0.04 15.86 -8.24
CA ILE B 33 -0.35 14.71 -9.01
C ILE B 33 -0.49 15.13 -10.47
N GLY B 34 -0.24 14.19 -11.36
CA GLY B 34 -0.53 14.38 -12.77
C GLY B 34 -1.66 13.45 -13.12
N ILE B 35 -2.67 13.92 -13.84
CA ILE B 35 -3.77 13.04 -14.18
C ILE B 35 -3.91 12.83 -15.68
N LYS B 36 -4.55 11.73 -16.04
CA LYS B 36 -4.80 11.39 -17.44
C LYS B 36 -6.19 10.78 -17.58
N ARG B 37 -6.71 10.88 -18.79
CA ARG B 37 -7.86 10.16 -19.23
C ARG B 37 -7.52 9.54 -20.57
N ASP B 38 -7.44 8.23 -20.60
CA ASP B 38 -6.92 7.55 -21.76
C ASP B 38 -7.67 7.85 -23.02
N ASN B 39 -6.93 8.25 -24.03
CA ASN B 39 -7.49 8.40 -25.35
C ASN B 39 -8.21 9.71 -25.48
N VAL B 40 -8.16 10.47 -24.41
CA VAL B 40 -8.76 11.81 -24.36
C VAL B 40 -7.79 12.85 -23.80
N THR B 41 -7.52 13.95 -24.52
CA THR B 41 -6.67 14.98 -23.93
C THR B 41 -7.43 15.80 -22.88
N LEU B 42 -6.77 16.16 -21.77
CA LEU B 42 -7.40 17.00 -20.75
C LEU B 42 -6.89 18.44 -20.77
N PRO B 43 -7.76 19.40 -20.42
CA PRO B 43 -7.36 20.81 -20.34
C PRO B 43 -6.38 21.04 -19.18
N ILE B 44 -6.62 20.29 -18.12
CA ILE B 44 -5.79 20.32 -16.93
C ILE B 44 -5.16 18.99 -16.50
N HIS B 45 -3.84 18.93 -16.29
CA HIS B 45 -3.24 17.65 -15.94
C HIS B 45 -2.54 17.66 -14.58
N ASN B 46 -2.49 18.81 -13.94
CA ASN B 46 -1.72 18.94 -12.71
C ASN B 46 -2.50 19.56 -11.56
N MET B 47 -2.42 18.95 -10.39
CA MET B 47 -3.00 19.50 -9.15
C MET B 47 -1.97 19.41 -8.05
N CYS B 48 -1.87 20.45 -7.23
CA CYS B 48 -0.91 20.42 -6.13
C CYS B 48 -1.53 20.80 -4.80
N LYS B 49 -0.83 20.43 -3.72
CA LYS B 49 -1.16 20.92 -2.40
C LYS B 49 0.13 21.46 -1.79
N VAL B 50 0.07 22.66 -1.25
CA VAL B 50 1.25 23.30 -0.70
C VAL B 50 1.09 23.63 0.77
N ASP B 51 2.14 23.38 1.54
CA ASP B 51 2.08 23.56 2.98
C ASP B 51 3.34 24.23 3.52
N VAL B 52 3.19 25.44 4.05
CA VAL B 52 4.32 26.08 4.73
C VAL B 52 4.46 25.44 6.11
N PHE B 53 5.68 25.02 6.45
CA PHE B 53 5.92 24.37 7.74
C PHE B 53 5.56 25.28 8.90
N GLY B 54 4.81 24.75 9.85
CA GLY B 54 4.39 25.53 11.00
C GLY B 54 2.99 26.11 10.85
N SER B 55 2.37 25.92 9.69
CA SER B 55 1.01 26.39 9.45
C SER B 55 0.02 25.40 10.06
N HIS B 56 -1.26 25.69 9.95
CA HIS B 56 -2.27 24.82 10.54
C HIS B 56 -2.45 23.55 9.71
N LYS B 57 -2.87 22.47 10.37
CA LYS B 57 -3.21 21.23 9.69
C LYS B 57 -4.21 21.45 8.57
N GLN B 58 -3.89 20.96 7.38
CA GLN B 58 -4.72 21.09 6.21
C GLN B 58 -4.90 19.78 5.44
N GLY B 59 -4.62 18.65 6.09
CA GLY B 59 -4.85 17.36 5.45
C GLY B 59 -3.85 17.06 4.34
N PHE B 60 -2.67 17.66 4.43
CA PHE B 60 -1.61 17.44 3.46
C PHE B 60 -1.24 15.95 3.40
N ASP B 61 -1.03 15.35 4.57
CA ASP B 61 -0.56 13.98 4.66
C ASP B 61 -1.61 13.00 4.20
N ALA B 62 -2.85 13.23 4.63
CA ALA B 62 -3.95 12.37 4.24
C ALA B 62 -4.13 12.38 2.71
N MET B 63 -4.13 13.57 2.12
CA MET B 63 -4.32 13.73 0.70
C MET B 63 -3.15 13.08 -0.06
N MET B 64 -1.93 13.30 0.43
CA MET B 64 -0.75 12.74 -0.22
C MET B 64 -0.79 11.21 -0.22
N GLU B 65 -1.19 10.63 0.91
CA GLU B 65 -1.26 9.20 1.05
C GLU B 65 -2.32 8.60 0.13
N MET B 66 -3.48 9.24 0.01
CA MET B 66 -4.49 8.76 -0.92
C MET B 66 -3.99 8.81 -2.36
N ALA B 67 -3.33 9.91 -2.73
CA ALA B 67 -2.82 10.09 -4.08
C ALA B 67 -1.84 8.98 -4.43
N LYS B 68 -0.94 8.69 -3.48
CA LYS B 68 0.01 7.62 -3.67
C LYS B 68 -0.74 6.31 -3.85
N TYR B 69 -1.81 6.16 -3.07
CA TYR B 69 -2.58 4.92 -3.12
C TYR B 69 -3.16 4.73 -4.53
N TYR B 70 -3.80 5.77 -5.06
CA TYR B 70 -4.46 5.70 -6.37
C TYR B 70 -3.44 5.60 -7.52
N TYR B 71 -2.29 6.26 -7.37
CA TYR B 71 -1.20 6.13 -8.34
C TYR B 71 -0.75 4.67 -8.36
N ALA B 72 -0.66 4.05 -7.19
CA ALA B 72 -0.20 2.67 -7.15
C ALA B 72 -1.18 1.70 -7.83
N THR B 73 -2.48 1.89 -7.66
CA THR B 73 -3.46 0.97 -8.24
C THR B 73 -3.85 1.33 -9.67
N GLY B 74 -3.63 2.58 -10.08
CA GLY B 74 -4.00 3.03 -11.40
C GLY B 74 -5.51 3.17 -11.54
N GLU B 75 -6.18 3.10 -10.39
CA GLU B 75 -7.62 3.22 -10.22
C GLU B 75 -8.28 4.40 -10.91
N SER B 76 -9.56 4.24 -11.25
CA SER B 76 -10.36 5.34 -11.78
C SER B 76 -10.93 6.22 -10.65
N ILE B 77 -10.66 7.52 -10.73
CA ILE B 77 -11.10 8.41 -9.66
C ILE B 77 -11.68 9.70 -10.22
N ARG B 78 -12.33 10.44 -9.32
CA ARG B 78 -12.70 11.81 -9.61
C ARG B 78 -11.77 12.72 -8.81
N VAL B 79 -11.32 13.78 -9.45
CA VAL B 79 -10.43 14.74 -8.82
C VAL B 79 -11.07 16.13 -8.74
N TYR B 80 -11.22 16.67 -7.53
CA TYR B 80 -11.72 18.03 -7.33
C TYR B 80 -10.56 19.02 -7.15
N TYR B 81 -10.66 20.19 -7.75
CA TYR B 81 -9.59 21.16 -7.65
C TYR B 81 -10.12 22.59 -7.56
N LYS B 82 -9.26 23.49 -7.12
CA LYS B 82 -9.58 24.90 -7.06
C LYS B 82 -8.50 25.69 -7.78
N GLU B 83 -8.79 26.92 -8.16
CA GLU B 83 -7.77 27.75 -8.76
C GLU B 83 -7.04 28.40 -7.59
N ASN B 84 -5.74 28.17 -7.50
CA ASN B 84 -4.95 28.69 -6.41
C ASN B 84 -3.70 29.33 -6.94
N VAL B 85 -3.72 30.65 -6.99
CA VAL B 85 -2.53 31.30 -7.46
C VAL B 85 -1.49 31.25 -6.32
N TRP B 86 -0.53 30.36 -6.52
CA TRP B 86 0.64 30.21 -5.66
C TRP B 86 1.48 31.41 -6.10
N SER B 87 2.70 31.56 -5.60
CA SER B 87 3.52 32.60 -6.21
C SER B 87 5.02 32.33 -6.10
N ASP B 88 5.44 31.21 -5.52
CA ASP B 88 6.65 30.65 -6.10
C ASP B 88 6.03 30.35 -7.43
N SER B 89 6.60 30.86 -8.52
CA SER B 89 5.81 30.72 -9.73
C SER B 89 6.44 29.85 -10.81
N GLU B 90 7.76 29.62 -10.79
CA GLU B 90 8.34 28.57 -11.64
C GLU B 90 7.74 27.26 -11.15
N PHE B 91 7.15 27.34 -9.96
CA PHE B 91 6.32 26.28 -9.41
C PHE B 91 5.09 26.19 -10.31
N LYS B 92 4.50 27.34 -10.65
CA LYS B 92 3.36 27.30 -11.56
C LYS B 92 3.75 26.92 -12.98
N LYS B 93 4.96 27.29 -13.42
CA LYS B 93 5.43 26.85 -14.74
C LYS B 93 5.66 25.33 -14.76
N ALA B 94 5.96 24.76 -13.60
CA ALA B 94 6.24 23.33 -13.50
C ALA B 94 4.99 22.56 -13.07
N PHE B 95 4.21 23.16 -12.17
CA PHE B 95 3.13 22.45 -11.47
C PHE B 95 1.73 23.08 -11.59
N SER B 96 1.61 24.17 -12.36
CA SER B 96 0.34 24.85 -12.64
C SER B 96 -0.28 25.52 -11.39
N THR B 97 -1.40 26.17 -11.57
CA THR B 97 -2.05 26.91 -10.52
C THR B 97 -3.29 26.20 -10.04
N ASN B 98 -3.17 24.94 -9.73
CA ASN B 98 -4.34 24.23 -9.29
C ASN B 98 -4.15 23.57 -7.96
N GLU B 99 -5.10 23.76 -7.08
CA GLU B 99 -5.00 23.15 -5.79
C GLU B 99 -5.92 21.97 -5.68
N LEU B 100 -5.34 20.82 -5.39
CA LEU B 100 -6.08 19.59 -5.15
C LEU B 100 -6.90 19.70 -3.88
N ILE B 101 -8.20 19.43 -3.99
CA ILE B 101 -9.12 19.61 -2.88
C ILE B 101 -9.75 18.31 -2.37
N SER B 102 -9.98 17.34 -3.26
CA SER B 102 -10.63 16.08 -2.90
C SER B 102 -10.42 14.98 -3.93
N LEU B 103 -10.39 13.74 -3.46
CA LEU B 103 -10.24 12.56 -4.30
C LEU B 103 -11.35 11.56 -3.99
N SER B 104 -11.98 11.03 -5.04
CA SER B 104 -13.07 10.06 -4.91
C SER B 104 -12.92 8.92 -5.90
N THR B 105 -13.40 7.73 -5.52
CA THR B 105 -13.35 6.59 -6.43
C THR B 105 -14.49 6.54 -7.45
N CYS B 106 -14.26 5.84 -8.56
CA CYS B 106 -15.29 5.58 -9.55
C CYS B 106 -15.52 4.08 -9.72
N SER B 107 -16.64 3.58 -9.20
CA SER B 107 -16.97 2.17 -9.28
C SER B 107 -17.37 1.75 -10.70
N SER B 108 -17.91 2.69 -11.47
CA SER B 108 -18.22 2.43 -12.86
C SER B 108 -17.93 3.64 -13.74
N SER B 109 -18.04 3.46 -15.06
CA SER B 109 -17.76 4.55 -15.98
C SER B 109 -18.85 5.63 -15.95
N ASP B 110 -19.89 5.42 -15.15
CA ASP B 110 -20.87 6.48 -14.93
C ASP B 110 -21.37 6.59 -13.49
N TYR B 111 -20.47 6.39 -12.53
CA TYR B 111 -20.75 6.83 -11.17
C TYR B 111 -19.43 7.13 -10.46
N CYS B 112 -19.34 8.33 -9.88
CA CYS B 112 -18.22 8.64 -9.01
C CYS B 112 -18.80 9.16 -7.70
N MET B 113 -18.20 8.80 -6.58
CA MET B 113 -18.67 9.29 -5.30
C MET B 113 -18.38 10.77 -5.14
N GLY B 114 -19.21 11.46 -4.37
CA GLY B 114 -18.98 12.86 -4.10
C GLY B 114 -19.99 13.85 -4.63
N PRO B 115 -19.83 15.11 -4.23
CA PRO B 115 -20.77 16.18 -4.60
C PRO B 115 -20.83 16.38 -6.11
N GLN B 116 -22.01 16.62 -6.66
CA GLN B 116 -22.12 16.88 -8.09
C GLN B 116 -23.17 17.94 -8.43
N ALA C 2 -23.06 3.35 24.30
CA ALA C 2 -23.40 4.13 23.12
C ALA C 2 -24.44 3.42 22.27
N ASP C 3 -24.74 4.02 21.12
CA ASP C 3 -25.74 3.50 20.18
C ASP C 3 -25.09 2.74 19.00
N TYR C 4 -24.96 1.44 19.18
CA TYR C 4 -24.45 0.54 18.15
C TYR C 4 -25.57 -0.31 17.59
N ASP C 5 -26.77 0.27 17.57
CA ASP C 5 -28.00 -0.43 17.21
C ASP C 5 -28.25 -0.48 15.70
N LYS C 6 -27.65 0.46 14.96
CA LYS C 6 -27.85 0.51 13.51
C LYS C 6 -26.60 0.04 12.74
N TYR C 7 -26.76 -0.96 11.88
CA TYR C 7 -25.64 -1.50 11.12
C TYR C 7 -26.10 -2.32 9.92
N PHE C 8 -25.22 -2.49 8.94
CA PHE C 8 -25.47 -3.41 7.84
C PHE C 8 -24.40 -4.48 7.87
N SER C 9 -24.82 -5.74 7.83
CA SER C 9 -23.93 -6.90 7.91
C SER C 9 -23.65 -7.50 6.53
N ASN C 10 -22.46 -8.10 6.41
CA ASN C 10 -22.04 -8.81 5.19
C ASN C 10 -22.11 -7.89 3.98
N VAL C 11 -21.46 -6.75 4.12
CA VAL C 11 -21.49 -5.73 3.08
C VAL C 11 -20.06 -5.48 2.57
N GLN C 12 -19.91 -4.76 1.46
CA GLN C 12 -18.56 -4.41 0.99
C GLN C 12 -18.46 -2.92 0.77
N ILE C 13 -17.27 -2.37 1.00
CA ILE C 13 -16.96 -0.99 0.70
C ILE C 13 -16.56 -0.96 -0.76
N ASN C 14 -17.34 -0.29 -1.59
CA ASN C 14 -17.00 -0.24 -3.00
C ASN C 14 -16.66 1.17 -3.49
N ASN C 15 -16.68 2.16 -2.60
CA ASN C 15 -16.28 3.50 -3.00
C ASN C 15 -15.70 4.25 -1.79
N LEU C 16 -14.74 5.12 -2.05
CA LEU C 16 -14.12 5.95 -1.02
C LEU C 16 -14.17 7.39 -1.45
N SER C 17 -14.09 8.30 -0.50
CA SER C 17 -14.06 9.71 -0.80
C SER C 17 -13.30 10.41 0.32
N TYR C 18 -12.37 11.29 -0.01
CA TYR C 18 -11.73 12.13 0.99
C TYR C 18 -11.64 13.55 0.47
N GLY C 19 -11.74 14.52 1.37
CA GLY C 19 -11.65 15.91 0.97
C GLY C 19 -11.48 16.88 2.11
N VAL C 20 -11.15 18.11 1.76
CA VAL C 20 -10.99 19.19 2.72
C VAL C 20 -11.95 20.30 2.31
N TYR C 21 -12.59 20.94 3.28
CA TYR C 21 -13.48 22.06 2.98
C TYR C 21 -13.52 23.05 4.14
N THR C 22 -13.90 24.29 3.86
CA THR C 22 -14.07 25.29 4.91
C THR C 22 -15.54 25.61 5.14
N SER C 23 -15.92 25.68 6.41
CA SER C 23 -17.26 26.13 6.77
C SER C 23 -17.20 26.95 8.06
N GLY C 24 -17.91 28.06 8.08
CA GLY C 24 -17.92 28.94 9.24
C GLY C 24 -16.55 29.42 9.66
N GLY C 25 -15.66 29.63 8.70
CA GLY C 25 -14.36 30.20 8.96
C GLY C 25 -13.30 29.22 9.43
N LYS C 26 -13.67 27.96 9.57
CA LYS C 26 -12.72 26.96 10.00
C LYS C 26 -12.61 25.85 8.96
N GLU C 27 -11.43 25.28 8.86
CA GLU C 27 -11.13 24.29 7.84
C GLU C 27 -11.38 22.92 8.41
N SER C 28 -12.03 22.08 7.62
CA SER C 28 -12.39 20.74 8.03
C SER C 28 -11.98 19.71 6.99
N GLN C 29 -12.04 18.47 7.43
CA GLN C 29 -11.69 17.25 6.73
C GLN C 29 -12.87 16.29 6.67
N PHE C 30 -13.06 15.56 5.59
CA PHE C 30 -14.08 14.53 5.61
C PHE C 30 -13.58 13.31 4.87
N PHE C 31 -14.06 12.14 5.26
CA PHE C 31 -13.93 11.00 4.39
C PHE C 31 -15.18 10.17 4.50
N CYS C 32 -15.57 9.56 3.39
CA CYS C 32 -16.80 8.79 3.29
C CYS C 32 -16.51 7.44 2.66
N ILE C 33 -17.32 6.46 3.01
CA ILE C 33 -17.26 5.19 2.34
C ILE C 33 -18.58 5.05 1.62
N GLY C 34 -18.56 4.31 0.51
CA GLY C 34 -19.77 3.89 -0.16
C GLY C 34 -19.83 2.39 -0.01
N ILE C 35 -21.01 1.85 0.35
CA ILE C 35 -21.10 0.39 0.52
C ILE C 35 -22.14 -0.26 -0.42
N LYS C 36 -21.97 -1.57 -0.65
CA LYS C 36 -22.84 -2.34 -1.52
C LYS C 36 -23.04 -3.76 -0.99
N ARG C 37 -24.07 -4.45 -1.48
CA ARG C 37 -24.19 -5.87 -1.22
C ARG C 37 -24.20 -6.62 -2.53
N ASP C 38 -25.15 -6.28 -3.40
CA ASP C 38 -25.20 -6.95 -4.70
C ASP C 38 -25.36 -6.03 -5.90
N ASN C 39 -25.72 -6.65 -7.01
CA ASN C 39 -25.97 -6.01 -8.29
C ASN C 39 -26.88 -4.74 -8.17
N VAL C 40 -27.76 -4.72 -7.17
CA VAL C 40 -28.68 -3.59 -6.99
C VAL C 40 -28.17 -2.72 -5.86
N THR C 41 -28.25 -1.41 -6.05
CA THR C 41 -27.73 -0.41 -5.10
C THR C 41 -28.52 -0.43 -3.78
N LEU C 42 -27.87 -0.08 -2.68
CA LEU C 42 -28.50 -0.17 -1.39
C LEU C 42 -29.12 1.20 -1.09
N PRO C 43 -30.31 1.20 -0.43
CA PRO C 43 -31.06 2.42 -0.12
C PRO C 43 -30.27 3.34 0.79
N ILE C 44 -29.49 2.78 1.72
CA ILE C 44 -28.55 3.55 2.50
C ILE C 44 -27.16 3.01 2.18
N HIS C 45 -26.33 3.83 1.53
CA HIS C 45 -25.01 3.36 1.08
C HIS C 45 -23.82 4.29 1.38
N ASN C 46 -24.06 5.42 2.03
CA ASN C 46 -23.00 6.39 2.32
C ASN C 46 -22.88 6.67 3.81
N MET C 47 -21.66 6.58 4.34
CA MET C 47 -21.39 6.95 5.73
C MET C 47 -20.14 7.81 5.78
N CYS C 48 -20.16 8.87 6.57
CA CYS C 48 -19.00 9.71 6.62
C CYS C 48 -18.47 9.93 8.02
N LYS C 49 -17.25 10.43 8.08
CA LYS C 49 -16.66 10.94 9.30
C LYS C 49 -16.12 12.32 8.95
N VAL C 50 -16.42 13.30 9.80
CA VAL C 50 -16.03 14.68 9.55
C VAL C 50 -15.19 15.18 10.73
N ASP C 51 -14.12 15.93 10.42
CA ASP C 51 -13.15 16.38 11.43
C ASP C 51 -12.69 17.83 11.25
N VAL C 52 -12.95 18.71 12.23
CA VAL C 52 -12.41 20.08 12.18
C VAL C 52 -10.90 20.08 12.52
N PHE C 53 -10.08 20.66 11.65
CA PHE C 53 -8.63 20.70 11.87
C PHE C 53 -8.31 21.45 13.15
N GLY C 54 -7.41 20.89 13.95
CA GLY C 54 -6.97 21.53 15.19
C GLY C 54 -7.68 21.02 16.43
N SER C 55 -8.63 20.12 16.24
CA SER C 55 -9.37 19.50 17.35
C SER C 55 -8.62 18.31 17.95
N HIS C 56 -9.18 17.74 19.02
CA HIS C 56 -8.58 16.58 19.66
C HIS C 56 -8.77 15.33 18.82
N LYS C 57 -7.94 14.32 19.10
CA LYS C 57 -8.06 13.00 18.49
C LYS C 57 -9.48 12.47 18.60
N GLN C 58 -10.03 12.05 17.46
CA GLN C 58 -11.35 11.43 17.45
C GLN C 58 -11.32 10.14 16.63
N GLY C 59 -10.13 9.62 16.36
CA GLY C 59 -10.00 8.37 15.64
C GLY C 59 -10.36 8.50 14.17
N PHE C 60 -10.27 9.72 13.64
CA PHE C 60 -10.52 9.96 12.23
C PHE C 60 -9.53 9.18 11.34
N ASP C 61 -8.24 9.28 11.62
CA ASP C 61 -7.25 8.62 10.80
C ASP C 61 -7.33 7.12 10.89
N ALA C 62 -7.54 6.62 12.10
CA ALA C 62 -7.65 5.19 12.32
C ALA C 62 -8.84 4.63 11.53
N MET C 63 -9.96 5.34 11.56
CA MET C 63 -11.14 4.91 10.82
C MET C 63 -10.90 4.92 9.32
N MET C 64 -10.28 5.98 8.84
CA MET C 64 -9.99 6.13 7.42
C MET C 64 -9.07 4.99 6.95
N GLU C 65 -8.10 4.61 7.78
CA GLU C 65 -7.23 3.48 7.44
C GLU C 65 -7.95 2.13 7.44
N MET C 66 -8.86 1.87 8.39
CA MET C 66 -9.61 0.61 8.32
C MET C 66 -10.47 0.55 7.09
N ALA C 67 -11.08 1.67 6.78
CA ALA C 67 -11.94 1.73 5.64
C ALA C 67 -11.14 1.46 4.36
N LYS C 68 -9.95 2.05 4.22
CA LYS C 68 -9.12 1.83 3.02
C LYS C 68 -8.76 0.36 2.93
N TYR C 69 -8.42 -0.24 4.06
CA TYR C 69 -8.06 -1.63 4.02
C TYR C 69 -9.25 -2.48 3.49
N TYR C 70 -10.44 -2.28 4.04
CA TYR C 70 -11.57 -3.12 3.64
C TYR C 70 -11.95 -2.83 2.21
N TYR C 71 -11.85 -1.57 1.80
CA TYR C 71 -12.01 -1.20 0.41
C TYR C 71 -11.01 -1.94 -0.49
N ALA C 72 -9.75 -2.03 -0.06
CA ALA C 72 -8.71 -2.64 -0.88
C ALA C 72 -8.94 -4.14 -1.07
N THR C 73 -9.35 -4.82 -0.01
CA THR C 73 -9.57 -6.26 -0.06
C THR C 73 -10.97 -6.63 -0.59
N GLY C 74 -11.91 -5.70 -0.54
CA GLY C 74 -13.26 -5.99 -0.98
C GLY C 74 -13.97 -6.97 -0.06
N GLU C 75 -13.36 -7.24 1.09
CA GLU C 75 -13.87 -8.09 2.16
C GLU C 75 -15.30 -7.83 2.54
N SER C 76 -15.97 -8.86 3.06
CA SER C 76 -17.31 -8.67 3.67
C SER C 76 -17.17 -8.21 5.12
N ILE C 77 -17.81 -7.08 5.41
CA ILE C 77 -17.70 -6.48 6.72
C ILE C 77 -19.09 -6.09 7.26
N ARG C 78 -19.13 -5.71 8.54
CA ARG C 78 -20.28 -5.04 9.07
C ARG C 78 -19.96 -3.57 9.26
N VAL C 79 -20.89 -2.71 8.88
CA VAL C 79 -20.72 -1.28 9.01
C VAL C 79 -21.70 -0.68 10.03
N TYR C 80 -21.16 -0.05 11.07
CA TYR C 80 -22.00 0.61 12.07
C TYR C 80 -22.07 2.11 11.80
N TYR C 81 -23.27 2.68 11.92
CA TYR C 81 -23.46 4.10 11.68
C TYR C 81 -24.50 4.68 12.62
N LYS C 82 -24.51 6.00 12.78
CA LYS C 82 -25.60 6.67 13.51
C LYS C 82 -26.07 7.88 12.70
N GLU C 83 -27.21 8.43 13.07
CA GLU C 83 -27.74 9.60 12.39
C GLU C 83 -27.06 10.85 12.92
N ASN C 84 -26.48 11.60 12.00
CA ASN C 84 -25.80 12.84 12.34
C ASN C 84 -26.15 13.95 11.35
N VAL C 85 -26.95 14.90 11.83
CA VAL C 85 -27.29 16.06 11.04
C VAL C 85 -26.06 16.96 11.02
N TRP C 86 -25.39 17.04 9.87
CA TRP C 86 -24.15 17.82 9.80
C TRP C 86 -24.48 19.32 9.85
N SER C 87 -23.45 20.16 9.79
CA SER C 87 -23.68 21.60 9.96
C SER C 87 -23.55 22.38 8.65
N ASP C 88 -22.66 21.93 7.78
CA ASP C 88 -22.66 22.35 6.39
C ASP C 88 -23.58 21.40 5.67
N SER C 89 -24.57 21.90 4.95
CA SER C 89 -25.42 20.97 4.23
C SER C 89 -25.56 21.21 2.74
N GLU C 90 -24.46 21.70 2.16
CA GLU C 90 -24.01 21.19 0.88
C GLU C 90 -23.03 20.08 1.27
N PHE C 91 -23.31 19.43 2.40
CA PHE C 91 -22.56 18.24 2.77
C PHE C 91 -23.47 17.01 2.84
N LYS C 92 -24.66 17.14 3.42
CA LYS C 92 -25.58 16.00 3.37
C LYS C 92 -26.06 15.81 1.92
N LYS C 93 -25.85 16.83 1.08
CA LYS C 93 -26.27 16.80 -0.33
C LYS C 93 -25.67 15.62 -1.10
N ALA C 94 -24.43 15.28 -0.76
CA ALA C 94 -23.68 14.23 -1.42
C ALA C 94 -23.60 12.95 -0.61
N PHE C 95 -23.49 13.12 0.70
CA PHE C 95 -23.02 12.05 1.54
C PHE C 95 -24.01 11.64 2.63
N SER C 96 -25.21 12.24 2.56
CA SER C 96 -26.31 11.88 3.44
C SER C 96 -26.05 12.26 4.90
N THR C 97 -26.95 11.87 5.80
CA THR C 97 -26.82 12.24 7.20
C THR C 97 -26.30 11.09 8.04
N ASN C 98 -25.53 10.18 7.46
CA ASN C 98 -25.10 9.00 8.21
C ASN C 98 -23.64 9.09 8.60
N GLU C 99 -23.39 8.99 9.90
CA GLU C 99 -22.03 9.03 10.40
C GLU C 99 -21.55 7.64 10.65
N LEU C 100 -20.38 7.33 10.07
CA LEU C 100 -19.67 6.06 10.25
C LEU C 100 -19.10 5.93 11.66
N ILE C 101 -19.42 4.82 12.32
CA ILE C 101 -19.05 4.63 13.71
C ILE C 101 -18.18 3.42 14.01
N SER C 102 -18.34 2.35 13.23
CA SER C 102 -17.58 1.14 13.50
C SER C 102 -17.52 0.21 12.30
N LEU C 103 -16.40 -0.52 12.19
CA LEU C 103 -16.17 -1.49 11.12
C LEU C 103 -15.73 -2.82 11.71
N SER C 104 -16.32 -3.90 11.24
CA SER C 104 -15.98 -5.25 11.72
C SER C 104 -15.95 -6.23 10.59
N THR C 105 -15.13 -7.25 10.73
CA THR C 105 -15.09 -8.26 9.70
C THR C 105 -16.22 -9.28 9.85
N CYS C 106 -16.53 -9.97 8.75
CA CYS C 106 -17.48 -11.08 8.75
C CYS C 106 -16.78 -12.34 8.29
N SER C 107 -16.46 -13.21 9.23
CA SER C 107 -15.71 -14.44 8.93
C SER C 107 -16.55 -15.45 8.14
N SER C 108 -17.87 -15.43 8.33
CA SER C 108 -18.77 -16.24 7.50
C SER C 108 -20.02 -15.43 7.20
N SER C 109 -20.89 -15.95 6.34
CA SER C 109 -22.07 -15.19 5.92
C SER C 109 -23.10 -15.03 7.04
N ASP C 110 -22.84 -15.57 8.23
CA ASP C 110 -23.72 -15.26 9.35
C ASP C 110 -22.96 -15.13 10.68
N TYR C 111 -21.79 -14.51 10.61
CA TYR C 111 -21.15 -14.01 11.81
C TYR C 111 -20.28 -12.82 11.48
N CYS C 112 -20.51 -11.74 12.22
CA CYS C 112 -19.71 -10.55 12.14
C CYS C 112 -19.27 -10.22 13.57
N MET C 113 -18.05 -9.73 13.72
CA MET C 113 -17.55 -9.36 15.05
C MET C 113 -18.28 -8.10 15.53
N GLY C 114 -18.42 -7.95 16.84
CA GLY C 114 -19.02 -6.74 17.36
C GLY C 114 -20.41 -6.93 17.94
N PRO C 115 -20.94 -5.88 18.60
CA PRO C 115 -22.23 -5.84 19.31
C PRO C 115 -23.44 -6.08 18.41
N GLN C 116 -24.45 -6.78 18.94
CA GLN C 116 -25.66 -7.05 18.18
C GLN C 116 -26.90 -6.87 19.05
N ALA D 2 7.20 -6.10 33.75
CA ALA D 2 5.74 -6.08 33.69
C ALA D 2 5.16 -7.49 33.65
N ASP D 3 3.84 -7.59 33.48
CA ASP D 3 3.18 -8.90 33.50
C ASP D 3 2.95 -9.47 32.10
N TYR D 4 3.93 -10.20 31.60
CA TYR D 4 3.82 -10.85 30.28
C TYR D 4 3.68 -12.37 30.34
N ASP D 5 3.02 -12.85 31.40
CA ASP D 5 2.88 -14.28 31.66
C ASP D 5 1.67 -14.91 30.92
N LYS D 6 0.69 -14.11 30.49
CA LYS D 6 -0.46 -14.67 29.77
C LYS D 6 -0.46 -14.43 28.27
N TYR D 7 -0.56 -15.52 27.53
CA TYR D 7 -0.53 -15.47 26.09
C TYR D 7 -1.06 -16.74 25.43
N PHE D 8 -1.39 -16.61 24.15
CA PHE D 8 -1.66 -17.74 23.27
C PHE D 8 -0.67 -17.76 22.11
N SER D 9 -0.04 -18.92 21.90
CA SER D 9 0.99 -19.08 20.88
C SER D 9 0.45 -19.75 19.62
N ASN D 10 1.04 -19.42 18.48
CA ASN D 10 0.68 -20.07 17.21
C ASN D 10 -0.79 -19.96 16.90
N VAL D 11 -1.29 -18.74 16.93
CA VAL D 11 -2.67 -18.50 16.62
C VAL D 11 -2.70 -17.63 15.40
N GLN D 12 -3.91 -17.47 14.85
CA GLN D 12 -4.13 -16.60 13.72
C GLN D 12 -5.20 -15.61 14.08
N ILE D 13 -5.10 -14.40 13.56
CA ILE D 13 -6.19 -13.46 13.68
C ILE D 13 -7.24 -13.70 12.58
N ASN D 14 -8.46 -14.10 12.95
CA ASN D 14 -9.47 -14.30 11.90
C ASN D 14 -10.63 -13.28 11.93
N ASN D 15 -10.55 -12.32 12.84
CA ASN D 15 -11.54 -11.22 12.91
C ASN D 15 -10.94 -9.97 13.49
N LEU D 16 -11.39 -8.82 12.99
CA LEU D 16 -10.99 -7.50 13.48
C LEU D 16 -12.22 -6.66 13.75
N SER D 17 -12.08 -5.66 14.62
CA SER D 17 -13.17 -4.77 14.89
C SER D 17 -12.56 -3.43 15.24
N TYR D 18 -13.09 -2.35 14.71
CA TYR D 18 -12.65 -1.01 15.10
C TYR D 18 -13.86 -0.09 15.27
N GLY D 19 -13.81 0.79 16.25
CA GLY D 19 -14.92 1.71 16.46
C GLY D 19 -14.66 2.87 17.40
N VAL D 20 -15.62 3.78 17.44
CA VAL D 20 -15.61 4.87 18.39
C VAL D 20 -16.90 4.78 19.20
N TYR D 21 -16.84 4.96 20.52
CA TYR D 21 -18.07 4.91 21.32
C TYR D 21 -18.04 5.82 22.55
N THR D 22 -19.23 6.23 23.00
CA THR D 22 -19.34 6.99 24.23
C THR D 22 -20.00 6.13 25.28
N SER D 23 -19.43 6.14 26.47
CA SER D 23 -20.05 5.47 27.60
C SER D 23 -19.70 6.23 28.89
N GLY D 24 -20.69 6.37 29.77
CA GLY D 24 -20.49 7.03 31.05
C GLY D 24 -19.93 8.44 30.94
N GLY D 25 -20.22 9.12 29.83
CA GLY D 25 -19.75 10.49 29.66
C GLY D 25 -18.37 10.56 29.01
N LYS D 26 -17.81 9.40 28.70
CA LYS D 26 -16.47 9.36 28.09
C LYS D 26 -16.46 8.81 26.67
N GLU D 27 -15.68 9.44 25.81
CA GLU D 27 -15.59 9.00 24.42
C GLU D 27 -14.30 8.20 24.20
N SER D 28 -14.42 7.06 23.55
CA SER D 28 -13.25 6.22 23.31
C SER D 28 -13.13 5.70 21.87
N GLN D 29 -11.97 5.19 21.55
CA GLN D 29 -11.81 4.43 20.32
C GLN D 29 -11.27 3.09 20.77
N PHE D 30 -11.63 2.05 20.05
CA PHE D 30 -11.16 0.70 20.34
C PHE D 30 -10.87 -0.08 19.08
N PHE D 31 -10.02 -1.10 19.21
CA PHE D 31 -9.96 -2.16 18.22
C PHE D 31 -9.84 -3.50 18.95
N CYS D 32 -10.44 -4.52 18.35
CA CYS D 32 -10.42 -5.87 18.89
C CYS D 32 -10.01 -6.81 17.78
N ILE D 33 -9.34 -7.88 18.19
CA ILE D 33 -8.96 -8.96 17.32
C ILE D 33 -9.68 -10.22 17.76
N GLY D 34 -9.97 -11.10 16.81
CA GLY D 34 -10.45 -12.42 17.13
C GLY D 34 -9.41 -13.42 16.70
N ILE D 35 -9.12 -14.38 17.58
CA ILE D 35 -8.10 -15.38 17.27
C ILE D 35 -8.69 -16.78 17.21
N LYS D 36 -7.99 -17.65 16.49
CA LYS D 36 -8.38 -19.03 16.29
C LYS D 36 -7.08 -19.83 16.27
N ARG D 37 -7.15 -21.13 16.48
CA ARG D 37 -5.98 -21.99 16.30
C ARG D 37 -6.27 -23.08 15.31
N ASP D 38 -6.40 -22.71 14.04
CA ASP D 38 -6.69 -23.64 12.97
C ASP D 38 -8.03 -24.26 13.32
N ASN D 39 -9.04 -23.41 13.45
CA ASN D 39 -10.41 -23.83 13.45
C ASN D 39 -10.81 -24.56 14.69
N VAL D 40 -9.97 -24.54 15.71
CA VAL D 40 -10.42 -24.95 17.02
C VAL D 40 -10.51 -23.62 17.72
N THR D 41 -11.59 -23.38 18.45
CA THR D 41 -11.93 -22.04 18.85
C THR D 41 -11.81 -21.91 20.34
N LEU D 42 -10.61 -21.62 20.79
CA LEU D 42 -10.19 -21.74 22.18
C LEU D 42 -10.98 -20.91 23.16
N PRO D 43 -10.62 -21.07 24.42
CA PRO D 43 -11.45 -20.47 25.48
C PRO D 43 -11.54 -18.97 25.52
N ILE D 44 -10.46 -18.29 25.21
CA ILE D 44 -10.48 -16.85 25.14
C ILE D 44 -10.06 -16.47 23.72
N HIS D 45 -10.93 -15.82 22.96
CA HIS D 45 -10.62 -15.54 21.55
C HIS D 45 -10.72 -14.04 21.23
N ASN D 46 -10.89 -13.22 22.25
CA ASN D 46 -11.02 -11.77 22.08
C ASN D 46 -10.04 -10.98 22.92
N MET D 47 -9.37 -10.04 22.27
CA MET D 47 -8.47 -9.09 22.91
C MET D 47 -8.76 -7.72 22.37
N CYS D 48 -8.82 -6.72 23.24
CA CYS D 48 -9.04 -5.39 22.73
C CYS D 48 -8.02 -4.41 23.26
N LYS D 49 -7.96 -3.26 22.60
CA LYS D 49 -7.21 -2.15 23.09
C LYS D 49 -8.18 -0.99 23.03
N VAL D 50 -8.31 -0.27 24.13
CA VAL D 50 -9.26 0.82 24.19
C VAL D 50 -8.49 2.08 24.53
N ASP D 51 -8.84 3.18 23.88
CA ASP D 51 -8.11 4.41 24.06
C ASP D 51 -9.10 5.52 24.29
N VAL D 52 -9.12 6.03 25.54
CA VAL D 52 -9.95 7.15 25.91
C VAL D 52 -9.38 8.45 25.39
N PHE D 53 -10.18 9.19 24.66
CA PHE D 53 -9.73 10.44 24.09
C PHE D 53 -9.39 11.35 25.25
N GLY D 54 -8.21 11.96 25.16
CA GLY D 54 -7.73 12.83 26.21
C GLY D 54 -6.77 12.12 27.14
N SER D 55 -6.58 10.82 26.96
CA SER D 55 -5.56 10.10 27.70
C SER D 55 -4.23 10.19 26.95
N HIS D 56 -3.13 9.72 27.55
CA HIS D 56 -1.84 9.79 26.86
C HIS D 56 -1.64 8.61 25.88
N LYS D 57 -0.69 8.78 24.97
CA LYS D 57 -0.30 7.75 24.01
C LYS D 57 -0.04 6.42 24.70
N GLN D 58 -0.65 5.37 24.15
CA GLN D 58 -0.48 4.04 24.68
C GLN D 58 -0.09 3.05 23.59
N GLY D 59 0.34 3.55 22.43
CA GLY D 59 0.76 2.68 21.35
C GLY D 59 -0.45 2.04 20.67
N PHE D 60 -1.59 2.74 20.70
CA PHE D 60 -2.80 2.27 20.05
C PHE D 60 -2.63 2.06 18.54
N ASP D 61 -2.08 3.05 17.82
CA ASP D 61 -1.95 2.91 16.37
C ASP D 61 -0.95 1.84 15.97
N ALA D 62 0.20 1.82 16.64
CA ALA D 62 1.21 0.83 16.30
C ALA D 62 0.64 -0.55 16.53
N MET D 63 -0.05 -0.70 17.66
CA MET D 63 -0.62 -2.01 17.95
C MET D 63 -1.65 -2.40 16.93
N MET D 64 -2.53 -1.45 16.59
CA MET D 64 -3.58 -1.70 15.61
C MET D 64 -2.99 -2.03 14.21
N GLU D 65 -1.95 -1.31 13.79
CA GLU D 65 -1.33 -1.62 12.48
C GLU D 65 -0.67 -2.99 12.46
N MET D 66 -0.02 -3.40 13.54
CA MET D 66 0.50 -4.77 13.59
C MET D 66 -0.64 -5.78 13.45
N ALA D 67 -1.76 -5.53 14.14
CA ALA D 67 -2.89 -6.46 14.11
C ALA D 67 -3.43 -6.59 12.68
N LYS D 68 -3.55 -5.46 12.01
CA LYS D 68 -4.03 -5.40 10.67
C LYS D 68 -3.07 -6.15 9.72
N TYR D 69 -1.76 -6.00 9.94
CA TYR D 69 -0.79 -6.69 9.10
C TYR D 69 -0.95 -8.21 9.23
N TYR D 70 -1.01 -8.69 10.46
CA TYR D 70 -1.11 -10.13 10.72
C TYR D 70 -2.48 -10.68 10.30
N TYR D 71 -3.52 -9.88 10.42
CA TYR D 71 -4.79 -10.33 9.87
C TYR D 71 -4.66 -10.49 8.36
N ALA D 72 -3.98 -9.56 7.72
CA ALA D 72 -3.79 -9.60 6.27
C ALA D 72 -2.95 -10.81 5.83
N THR D 73 -1.86 -11.14 6.54
CA THR D 73 -1.05 -12.27 6.10
C THR D 73 -1.58 -13.62 6.58
N GLY D 74 -2.38 -13.62 7.64
CA GLY D 74 -2.90 -14.85 8.22
C GLY D 74 -1.83 -15.64 8.95
N GLU D 75 -0.69 -14.99 9.12
CA GLU D 75 0.47 -15.50 9.83
C GLU D 75 0.17 -16.12 11.21
N SER D 76 0.99 -17.08 11.63
CA SER D 76 0.90 -17.61 12.99
C SER D 76 1.62 -16.67 13.95
N ILE D 77 0.91 -16.24 14.99
CA ILE D 77 1.50 -15.29 15.93
C ILE D 77 1.26 -15.69 17.40
N ARG D 78 1.96 -15.00 18.31
CA ARG D 78 1.70 -15.08 19.73
C ARG D 78 1.04 -13.77 20.19
N VAL D 79 -0.03 -13.91 20.96
CA VAL D 79 -0.78 -12.77 21.44
C VAL D 79 -0.66 -12.70 22.97
N TYR D 80 -0.14 -11.59 23.47
CA TYR D 80 -0.03 -11.39 24.93
C TYR D 80 -1.15 -10.52 25.41
N TYR D 81 -1.74 -10.90 26.54
CA TYR D 81 -2.83 -10.10 27.05
C TYR D 81 -2.86 -10.03 28.58
N LYS D 82 -3.53 -9.02 29.09
CA LYS D 82 -3.78 -8.93 30.53
C LYS D 82 -5.24 -8.60 30.76
N GLU D 83 -5.65 -8.75 32.00
CA GLU D 83 -7.02 -8.45 32.40
C GLU D 83 -7.22 -6.95 32.56
N ASN D 84 -8.19 -6.41 31.84
CA ASN D 84 -8.60 -5.02 32.02
C ASN D 84 -10.12 -4.95 31.95
N VAL D 85 -10.78 -4.86 33.09
CA VAL D 85 -12.23 -4.76 33.07
C VAL D 85 -12.62 -3.34 32.66
N TRP D 86 -13.12 -3.23 31.43
CA TRP D 86 -13.42 -1.95 30.79
C TRP D 86 -14.65 -1.40 31.47
N SER D 87 -15.05 -0.19 31.13
CA SER D 87 -16.11 0.44 31.90
C SER D 87 -17.47 0.44 31.24
N ASP D 88 -17.54 0.17 29.94
CA ASP D 88 -18.85 0.03 29.36
C ASP D 88 -19.26 -1.41 29.59
N SER D 89 -20.43 -1.57 30.18
CA SER D 89 -20.94 -2.89 30.48
C SER D 89 -21.26 -3.64 29.19
N GLU D 90 -21.79 -2.93 28.21
CA GLU D 90 -22.05 -3.50 26.91
C GLU D 90 -20.76 -3.77 26.12
N PHE D 91 -19.69 -3.03 26.41
CA PHE D 91 -18.44 -3.28 25.70
C PHE D 91 -17.87 -4.61 26.14
N LYS D 92 -17.86 -4.88 27.45
CA LYS D 92 -17.34 -6.16 27.92
C LYS D 92 -18.23 -7.32 27.47
N LYS D 93 -19.52 -7.06 27.27
CA LYS D 93 -20.44 -8.09 26.79
C LYS D 93 -20.11 -8.56 25.37
N ALA D 94 -19.55 -7.67 24.57
CA ALA D 94 -19.19 -8.02 23.19
C ALA D 94 -17.75 -8.57 23.10
N PHE D 95 -16.83 -8.02 23.92
CA PHE D 95 -15.40 -8.26 23.74
C PHE D 95 -14.60 -8.84 24.92
N SER D 96 -15.29 -9.10 26.02
CA SER D 96 -14.69 -9.68 27.23
C SER D 96 -13.73 -8.68 27.81
N THR D 97 -13.02 -9.10 28.85
CA THR D 97 -12.14 -8.19 29.58
C THR D 97 -10.66 -8.42 29.32
N ASN D 98 -10.30 -8.77 28.09
CA ASN D 98 -8.89 -9.05 27.82
C ASN D 98 -8.28 -7.91 27.03
N GLU D 99 -7.22 -7.33 27.58
CA GLU D 99 -6.53 -6.25 26.89
C GLU D 99 -5.30 -6.80 26.17
N LEU D 100 -5.21 -6.51 24.86
CA LEU D 100 -4.04 -6.87 24.06
C LEU D 100 -2.87 -6.01 24.50
N ILE D 101 -1.74 -6.63 24.86
CA ILE D 101 -0.57 -5.86 25.31
C ILE D 101 0.64 -6.04 24.38
N SER D 102 0.67 -7.17 23.66
CA SER D 102 1.79 -7.45 22.78
C SER D 102 1.47 -8.48 21.67
N LEU D 103 2.12 -8.31 20.51
CA LEU D 103 2.02 -9.22 19.38
C LEU D 103 3.42 -9.67 18.91
N SER D 104 3.59 -10.96 18.68
CA SER D 104 4.85 -11.51 18.19
C SER D 104 4.61 -12.52 17.09
N THR D 105 5.55 -12.62 16.15
CA THR D 105 5.45 -13.61 15.09
C THR D 105 5.95 -14.96 15.59
N CYS D 106 5.52 -16.02 14.92
CA CYS D 106 6.00 -17.37 15.18
C CYS D 106 6.64 -17.95 13.91
N SER D 107 7.97 -17.97 13.90
CA SER D 107 8.72 -18.44 12.76
C SER D 107 8.56 -19.94 12.55
N SER D 108 8.33 -20.68 13.63
CA SER D 108 8.02 -22.09 13.46
C SER D 108 6.97 -22.56 14.49
N SER D 109 6.49 -23.79 14.30
CA SER D 109 5.40 -24.31 15.13
C SER D 109 5.87 -24.59 16.56
N ASP D 110 7.14 -24.31 16.82
CA ASP D 110 7.71 -24.46 18.15
C ASP D 110 8.65 -23.32 18.53
N TYR D 111 8.41 -22.14 18.00
CA TYR D 111 9.08 -20.96 18.51
C TYR D 111 8.28 -19.68 18.23
N CYS D 112 8.06 -18.89 19.27
CA CYS D 112 7.49 -17.57 19.12
C CYS D 112 8.40 -16.59 19.86
N MET D 113 8.56 -15.39 19.32
CA MET D 113 9.39 -14.38 19.95
C MET D 113 8.75 -13.82 21.22
N GLY D 114 9.57 -13.32 22.14
CA GLY D 114 9.05 -12.71 23.34
C GLY D 114 9.31 -13.51 24.59
N PRO D 115 8.96 -12.95 25.76
CA PRO D 115 9.11 -13.54 27.10
C PRO D 115 8.28 -14.82 27.28
N GLN D 116 8.81 -15.79 28.03
CA GLN D 116 8.08 -17.02 28.33
C GLN D 116 8.24 -17.45 29.78
N ALA E 2 29.42 8.05 15.52
CA ALA E 2 28.72 7.12 16.41
C ALA E 2 29.29 5.71 16.29
N ASP E 3 28.67 4.77 17.01
CA ASP E 3 29.12 3.39 16.99
C ASP E 3 28.31 2.54 16.01
N TYR E 4 28.82 2.51 14.78
CA TYR E 4 28.25 1.69 13.74
C TYR E 4 29.22 0.56 13.46
N ASP E 5 29.95 0.14 14.49
CA ASP E 5 31.02 -0.83 14.29
C ASP E 5 30.44 -2.23 14.27
N LYS E 6 29.32 -2.44 14.95
CA LYS E 6 28.73 -3.77 14.98
C LYS E 6 27.50 -3.85 14.06
N TYR E 7 27.55 -4.82 13.15
CA TYR E 7 26.50 -5.05 12.19
C TYR E 7 26.55 -6.47 11.62
N PHE E 8 25.41 -6.96 11.14
CA PHE E 8 25.41 -8.21 10.41
C PHE E 8 24.90 -7.93 9.02
N SER E 9 25.63 -8.42 8.02
CA SER E 9 25.30 -8.17 6.63
C SER E 9 24.58 -9.35 6.01
N ASN E 10 23.72 -9.06 5.04
CA ASN E 10 23.02 -10.07 4.25
C ASN E 10 22.22 -11.03 5.10
N VAL E 11 21.37 -10.46 5.93
CA VAL E 11 20.53 -11.26 6.79
C VAL E 11 19.09 -10.96 6.40
N GLN E 12 18.17 -11.77 6.93
CA GLN E 12 16.75 -11.53 6.71
C GLN E 12 16.08 -11.43 8.08
N ILE E 13 15.04 -10.59 8.15
CA ILE E 13 14.23 -10.50 9.35
C ILE E 13 13.20 -11.61 9.30
N ASN E 14 13.27 -12.55 10.24
CA ASN E 14 12.33 -13.67 10.25
C ASN E 14 11.38 -13.68 11.44
N ASN E 15 11.47 -12.65 12.28
CA ASN E 15 10.56 -12.49 13.42
C ASN E 15 10.40 -11.05 13.86
N LEU E 16 9.20 -10.71 14.31
CA LEU E 16 8.88 -9.38 14.81
C LEU E 16 8.24 -9.50 16.19
N SER E 17 8.34 -8.40 16.92
CA SER E 17 7.77 -8.33 18.22
C SER E 17 7.44 -6.87 18.47
N TYR E 18 6.22 -6.61 18.94
CA TYR E 18 5.86 -5.28 19.36
C TYR E 18 5.13 -5.43 20.70
N GLY E 19 5.23 -4.42 21.56
CA GLY E 19 4.51 -4.50 22.82
C GLY E 19 4.46 -3.20 23.59
N VAL E 20 3.59 -3.21 24.59
CA VAL E 20 3.44 -2.14 25.54
C VAL E 20 3.59 -2.69 26.95
N TYR E 21 4.32 -1.99 27.82
CA TYR E 21 4.47 -2.39 29.21
C TYR E 21 4.73 -1.21 30.12
N THR E 22 4.43 -1.41 31.39
CA THR E 22 4.74 -0.42 32.39
C THR E 22 5.89 -0.90 33.26
N SER E 23 6.77 0.03 33.57
CA SER E 23 7.87 -0.20 34.48
C SER E 23 8.02 1.08 35.29
N GLY E 24 8.29 0.93 36.59
CA GLY E 24 8.35 2.06 37.48
C GLY E 24 7.01 2.78 37.42
N GLY E 25 7.06 4.08 37.12
CA GLY E 25 5.84 4.84 36.98
C GLY E 25 5.48 5.21 35.56
N LYS E 26 6.28 4.75 34.59
CA LYS E 26 6.01 5.15 33.21
C LYS E 26 5.76 4.00 32.22
N GLU E 27 4.95 4.28 31.21
CA GLU E 27 4.59 3.26 30.25
C GLU E 27 5.51 3.35 29.06
N SER E 28 5.98 2.19 28.61
CA SER E 28 6.90 2.17 27.50
C SER E 28 6.38 1.28 26.40
N GLN E 29 6.99 1.42 25.24
CA GLN E 29 6.68 0.53 24.15
C GLN E 29 7.98 -0.05 23.63
N PHE E 30 7.94 -1.29 23.17
CA PHE E 30 9.14 -1.88 22.61
C PHE E 30 8.85 -2.45 21.25
N PHE E 31 9.88 -2.49 20.42
CA PHE E 31 9.81 -3.21 19.19
C PHE E 31 11.12 -3.96 18.92
N CYS E 32 11.00 -5.21 18.51
CA CYS E 32 12.19 -6.04 18.30
C CYS E 32 12.12 -6.79 16.98
N ILE E 33 13.28 -7.03 16.38
CA ILE E 33 13.36 -7.93 15.24
C ILE E 33 14.17 -9.16 15.61
N GLY E 34 13.86 -10.27 14.97
CA GLY E 34 14.68 -11.47 15.02
C GLY E 34 15.27 -11.65 13.63
N ILE E 35 16.58 -11.92 13.55
CA ILE E 35 17.20 -12.04 12.24
C ILE E 35 17.78 -13.42 11.96
N LYS E 36 18.02 -13.70 10.70
CA LYS E 36 18.49 -14.97 10.21
C LYS E 36 19.48 -14.78 9.07
N ARG E 37 20.35 -15.74 8.83
CA ARG E 37 21.18 -15.65 7.66
C ARG E 37 20.96 -16.87 6.81
N ASP E 38 20.08 -16.72 5.84
CA ASP E 38 19.79 -17.83 4.98
C ASP E 38 19.32 -19.02 5.79
N ASN E 39 20.09 -20.07 5.77
CA ASN E 39 19.72 -21.29 6.45
C ASN E 39 20.01 -21.30 7.94
N VAL E 40 20.62 -20.24 8.46
CA VAL E 40 21.13 -20.33 9.83
C VAL E 40 20.87 -19.27 10.90
N THR E 41 21.08 -19.67 12.14
CA THR E 41 20.93 -18.77 13.25
C THR E 41 22.27 -18.24 13.65
N LEU E 42 22.24 -16.97 14.03
CA LEU E 42 23.42 -16.16 14.31
C LEU E 42 23.59 -16.08 15.82
N PRO E 43 24.83 -15.83 16.29
CA PRO E 43 25.08 -15.78 17.73
C PRO E 43 24.27 -14.66 18.38
N ILE E 44 24.13 -13.57 17.64
CA ILE E 44 23.26 -12.48 18.05
C ILE E 44 22.17 -12.32 16.99
N HIS E 45 20.92 -12.53 17.39
CA HIS E 45 19.82 -12.51 16.43
C HIS E 45 18.63 -11.62 16.82
N ASN E 46 18.73 -10.91 17.94
CA ASN E 46 17.64 -10.04 18.42
C ASN E 46 18.13 -8.61 18.62
N MET E 47 17.35 -7.68 18.10
CA MET E 47 17.62 -6.26 18.24
C MET E 47 16.33 -5.59 18.64
N CYS E 48 16.38 -4.70 19.62
CA CYS E 48 15.16 -4.04 20.03
C CYS E 48 15.28 -2.54 20.06
N LYS E 49 14.13 -1.89 20.12
CA LYS E 49 14.10 -0.46 20.38
C LYS E 49 13.05 -0.25 21.45
N VAL E 50 13.39 0.52 22.48
CA VAL E 50 12.51 0.75 23.60
C VAL E 50 12.27 2.25 23.72
N ASP E 51 11.01 2.62 23.95
CA ASP E 51 10.62 4.02 23.97
C ASP E 51 9.64 4.31 25.13
N VAL E 52 10.03 5.18 26.05
CA VAL E 52 9.11 5.61 27.11
C VAL E 52 8.11 6.60 26.55
N PHE E 53 6.83 6.35 26.74
CA PHE E 53 5.83 7.28 26.22
C PHE E 53 6.00 8.66 26.85
N GLY E 54 6.05 9.68 25.98
CA GLY E 54 6.19 11.05 26.42
C GLY E 54 7.64 11.49 26.43
N SER E 55 8.54 10.57 26.15
CA SER E 55 9.97 10.88 26.12
C SER E 55 10.35 11.52 24.79
N HIS E 56 11.65 11.82 24.63
CA HIS E 56 12.10 12.51 23.44
C HIS E 56 12.05 11.58 22.24
N LYS E 57 11.75 12.16 21.08
CA LYS E 57 11.76 11.43 19.80
C LYS E 57 13.08 10.72 19.58
N GLN E 58 13.02 9.43 19.30
CA GLN E 58 14.22 8.66 19.05
C GLN E 58 14.05 7.83 17.76
N GLY E 59 13.06 8.20 16.93
CA GLY E 59 12.89 7.54 15.65
C GLY E 59 12.36 6.14 15.77
N PHE E 60 11.60 5.92 16.84
CA PHE E 60 10.98 4.63 17.08
C PHE E 60 10.02 4.16 15.97
N ASP E 61 9.09 5.02 15.53
CA ASP E 61 8.13 4.61 14.50
C ASP E 61 8.79 4.41 13.12
N ALA E 62 9.67 5.33 12.73
CA ALA E 62 10.33 5.21 11.43
C ALA E 62 11.12 3.91 11.38
N MET E 63 11.83 3.61 12.46
CA MET E 63 12.59 2.37 12.50
C MET E 63 11.63 1.21 12.43
N MET E 64 10.54 1.29 13.20
CA MET E 64 9.56 0.21 13.23
C MET E 64 8.92 -0.01 11.86
N GLU E 65 8.60 1.06 11.16
CA GLU E 65 8.00 0.90 9.83
C GLU E 65 9.01 0.27 8.85
N MET E 66 10.29 0.71 8.87
CA MET E 66 11.31 0.12 8.00
C MET E 66 11.48 -1.36 8.22
N ALA E 67 11.50 -1.77 9.49
CA ALA E 67 11.66 -3.18 9.79
C ALA E 67 10.48 -3.98 9.24
N LYS E 68 9.28 -3.44 9.39
CA LYS E 68 8.07 -4.12 8.95
C LYS E 68 8.12 -4.36 7.43
N TYR E 69 8.63 -3.38 6.70
CA TYR E 69 8.75 -3.49 5.26
C TYR E 69 9.68 -4.66 4.87
N TYR E 70 10.86 -4.74 5.49
CA TYR E 70 11.86 -5.79 5.17
C TYR E 70 11.39 -7.15 5.64
N TYR E 71 10.69 -7.18 6.78
CA TYR E 71 10.07 -8.40 7.23
C TYR E 71 9.04 -8.90 6.21
N ALA E 72 8.28 -7.97 5.64
CA ALA E 72 7.25 -8.29 4.64
C ALA E 72 7.88 -8.78 3.30
N THR E 73 9.00 -8.18 2.88
CA THR E 73 9.62 -8.60 1.60
C THR E 73 10.60 -9.78 1.73
N GLY E 74 11.09 -10.05 2.94
CA GLY E 74 12.04 -11.12 3.18
C GLY E 74 13.43 -10.83 2.60
N GLU E 75 13.60 -9.60 2.16
CA GLU E 75 14.82 -9.03 1.60
C GLU E 75 16.07 -9.30 2.43
N SER E 76 17.23 -9.34 1.77
CA SER E 76 18.51 -9.39 2.46
C SER E 76 18.96 -8.00 2.87
N ILE E 77 19.22 -7.81 4.16
CA ILE E 77 19.61 -6.49 4.65
C ILE E 77 20.85 -6.53 5.55
N ARG E 78 21.38 -5.35 5.86
CA ARG E 78 22.40 -5.23 6.90
C ARG E 78 21.78 -4.60 8.15
N VAL E 79 22.09 -5.14 9.32
CA VAL E 79 21.56 -4.63 10.58
C VAL E 79 22.64 -4.07 11.49
N TYR E 80 22.54 -2.79 11.81
CA TYR E 80 23.52 -2.18 12.74
C TYR E 80 22.94 -2.17 14.16
N TYR E 81 23.76 -2.52 15.13
CA TYR E 81 23.33 -2.55 16.50
C TYR E 81 24.45 -2.09 17.44
N LYS E 82 24.09 -1.66 18.65
CA LYS E 82 25.08 -1.40 19.68
C LYS E 82 24.61 -2.09 20.95
N GLU E 83 25.51 -2.24 21.90
CA GLU E 83 25.14 -2.87 23.15
C GLU E 83 24.43 -1.86 24.03
N ASN E 84 23.22 -2.24 24.42
CA ASN E 84 22.44 -1.46 25.35
C ASN E 84 21.85 -2.40 26.35
N VAL E 85 22.45 -2.45 27.52
CA VAL E 85 21.91 -3.27 28.58
C VAL E 85 20.70 -2.52 29.11
N TRP E 86 19.52 -3.04 28.84
CA TRP E 86 18.29 -2.40 29.27
C TRP E 86 18.28 -2.60 30.80
N SER E 87 17.36 -2.06 31.60
CA SER E 87 17.50 -2.39 33.04
C SER E 87 16.24 -3.06 33.58
N ASP E 88 15.27 -3.18 32.67
CA ASP E 88 14.17 -4.08 32.83
C ASP E 88 14.78 -5.35 32.23
N SER E 89 15.01 -6.39 33.06
CA SER E 89 15.71 -7.62 32.63
C SER E 89 14.77 -8.84 32.61
N GLU E 90 13.51 -8.59 32.96
CA GLU E 90 12.35 -9.06 32.19
C GLU E 90 12.68 -9.17 30.71
N PHE E 91 13.08 -8.02 30.19
CA PHE E 91 13.28 -7.78 28.78
C PHE E 91 14.55 -8.46 28.21
N LYS E 92 15.67 -8.44 28.93
CA LYS E 92 16.93 -9.04 28.45
C LYS E 92 16.92 -10.56 28.30
N LYS E 93 16.16 -11.24 29.15
CA LYS E 93 16.06 -12.69 29.04
C LYS E 93 15.31 -13.07 27.77
N ALA E 94 14.48 -12.16 27.27
CA ALA E 94 13.75 -12.39 26.04
C ALA E 94 14.45 -11.77 24.81
N PHE E 95 15.07 -10.60 25.00
CA PHE E 95 15.51 -9.81 23.85
C PHE E 95 16.99 -9.38 23.84
N SER E 96 17.72 -9.77 24.88
CA SER E 96 19.15 -9.53 25.01
C SER E 96 19.49 -8.04 25.15
N THR E 97 20.78 -7.75 25.13
CA THR E 97 21.27 -6.41 25.39
C THR E 97 21.62 -5.69 24.09
N ASN E 98 20.92 -6.03 23.01
CA ASN E 98 21.23 -5.43 21.72
C ASN E 98 20.15 -4.46 21.24
N GLU E 99 20.55 -3.22 20.98
CA GLU E 99 19.65 -2.19 20.47
C GLU E 99 19.80 -2.00 18.97
N LEU E 100 18.71 -2.08 18.23
CA LEU E 100 18.77 -1.78 16.80
C LEU E 100 19.06 -0.30 16.52
N ILE E 101 20.09 0.00 15.74
CA ILE E 101 20.39 1.42 15.49
C ILE E 101 20.25 1.81 14.01
N SER E 102 20.40 0.86 13.10
CA SER E 102 20.29 1.18 11.68
C SER E 102 19.98 -0.03 10.81
N LEU E 103 19.23 0.20 9.72
CA LEU E 103 18.88 -0.83 8.73
C LEU E 103 19.23 -0.37 7.31
N SER E 104 19.85 -1.27 6.54
CA SER E 104 20.29 -1.03 5.15
C SER E 104 19.98 -2.18 4.21
N THR E 105 19.75 -1.85 2.95
CA THR E 105 19.50 -2.88 1.94
C THR E 105 20.81 -3.48 1.44
N CYS E 106 20.72 -4.69 0.89
CA CYS E 106 21.85 -5.30 0.21
C CYS E 106 21.44 -5.60 -1.25
N SER E 107 21.83 -4.74 -2.17
CA SER E 107 21.47 -4.85 -3.59
C SER E 107 22.11 -6.07 -4.25
N SER E 108 23.24 -6.51 -3.74
CA SER E 108 23.82 -7.76 -4.21
C SER E 108 24.38 -8.54 -3.03
N SER E 109 24.83 -9.77 -3.28
CA SER E 109 25.24 -10.65 -2.20
C SER E 109 26.54 -10.26 -1.49
N ASP E 110 27.21 -9.22 -1.98
CA ASP E 110 28.29 -8.63 -1.20
C ASP E 110 28.35 -7.11 -1.45
N TYR E 111 27.20 -6.46 -1.39
CA TYR E 111 27.19 -5.02 -1.20
C TYR E 111 25.98 -4.67 -0.34
N CYS E 112 26.26 -3.97 0.75
CA CYS E 112 25.19 -3.45 1.57
C CYS E 112 25.50 -1.98 1.75
N MET E 113 24.49 -1.13 1.70
CA MET E 113 24.69 0.30 1.86
C MET E 113 25.09 0.63 3.30
N GLY E 114 25.79 1.73 3.50
CA GLY E 114 26.12 2.16 4.85
C GLY E 114 27.58 2.03 5.22
N PRO E 115 27.95 2.53 6.42
CA PRO E 115 29.33 2.53 6.91
C PRO E 115 29.89 1.12 7.06
N GLN E 116 31.17 0.96 6.76
CA GLN E 116 31.84 -0.33 6.85
C GLN E 116 33.25 -0.19 7.42
N ALA F 2 13.50 28.70 -5.58
CA ALA F 2 14.57 27.98 -4.90
C ALA F 2 15.47 27.27 -5.91
N ASP F 3 16.42 26.48 -5.42
CA ASP F 3 17.37 25.79 -6.28
C ASP F 3 16.98 24.33 -6.60
N TYR F 4 16.23 24.19 -7.67
CA TYR F 4 15.84 22.90 -8.21
C TYR F 4 16.62 22.67 -9.49
N ASP F 5 17.86 23.12 -9.42
CA ASP F 5 18.79 23.17 -10.51
C ASP F 5 19.56 21.87 -10.76
N LYS F 6 19.77 21.06 -9.71
CA LYS F 6 20.49 19.78 -9.82
C LYS F 6 19.59 18.61 -9.66
N TYR F 7 19.57 17.74 -10.66
CA TYR F 7 18.74 16.56 -10.63
C TYR F 7 19.26 15.50 -11.58
N PHE F 8 18.87 14.26 -11.32
CA PHE F 8 19.13 13.16 -12.24
C PHE F 8 17.80 12.59 -12.66
N SER F 9 17.61 12.47 -13.97
CA SER F 9 16.34 12.01 -14.51
C SER F 9 16.45 10.55 -14.84
N ASN F 10 15.31 9.86 -14.73
CA ASN F 10 15.22 8.45 -15.08
C ASN F 10 16.17 7.57 -14.32
N VAL F 11 16.15 7.65 -12.99
CA VAL F 11 17.00 6.78 -12.22
C VAL F 11 16.11 5.89 -11.40
N GLN F 12 16.71 4.87 -10.81
CA GLN F 12 15.94 4.01 -9.94
C GLN F 12 16.62 3.95 -8.58
N ILE F 13 15.80 3.81 -7.55
CA ILE F 13 16.32 3.61 -6.23
C ILE F 13 16.60 2.12 -6.04
N ASN F 14 17.87 1.74 -5.91
CA ASN F 14 18.20 0.34 -5.69
C ASN F 14 18.75 0.05 -4.29
N ASN F 15 18.84 1.08 -3.45
CA ASN F 15 19.28 0.89 -2.07
C ASN F 15 18.68 1.90 -1.07
N LEU F 16 18.42 1.44 0.14
CA LEU F 16 17.96 2.30 1.22
C LEU F 16 18.76 2.12 2.51
N SER F 17 18.76 3.17 3.32
CA SER F 17 19.44 3.11 4.60
C SER F 17 18.70 4.00 5.58
N TYR F 18 18.40 3.48 6.76
CA TYR F 18 17.83 4.34 7.79
C TYR F 18 18.54 4.08 9.11
N GLY F 19 18.73 5.13 9.89
CA GLY F 19 19.38 4.98 11.17
C GLY F 19 19.32 6.17 12.12
N VAL F 20 19.76 5.92 13.33
CA VAL F 20 19.88 6.98 14.31
C VAL F 20 21.36 7.06 14.71
N TYR F 21 21.86 8.27 14.89
CA TYR F 21 23.23 8.46 15.39
C TYR F 21 23.33 9.72 16.23
N THR F 22 24.36 9.77 17.05
CA THR F 22 24.69 10.95 17.85
C THR F 22 25.93 11.67 17.36
N SER F 23 25.85 13.01 17.34
CA SER F 23 27.01 13.85 17.11
C SER F 23 26.86 15.05 18.00
N GLY F 24 27.96 15.45 18.64
CA GLY F 24 27.93 16.58 19.54
C GLY F 24 26.89 16.43 20.63
N GLY F 25 26.82 15.26 21.25
CA GLY F 25 25.93 15.08 22.38
C GLY F 25 24.45 15.15 22.04
N LYS F 26 24.12 15.32 20.75
CA LYS F 26 22.73 15.44 20.31
C LYS F 26 22.38 14.30 19.34
N GLU F 27 21.11 13.88 19.36
CA GLU F 27 20.69 12.74 18.54
C GLU F 27 19.90 13.11 17.27
N SER F 28 20.22 12.44 16.17
CA SER F 28 19.54 12.65 14.91
C SER F 28 19.10 11.34 14.27
N GLN F 29 18.25 11.46 13.25
CA GLN F 29 17.86 10.33 12.43
C GLN F 29 18.15 10.67 10.97
N PHE F 30 18.50 9.67 10.18
CA PHE F 30 18.75 9.87 8.75
C PHE F 30 18.17 8.75 7.92
N PHE F 31 17.91 9.05 6.65
CA PHE F 31 17.74 8.01 5.68
C PHE F 31 18.43 8.44 4.38
N CYS F 32 18.97 7.47 3.66
CA CYS F 32 19.69 7.70 2.42
C CYS F 32 19.13 6.77 1.35
N ILE F 33 19.17 7.22 0.10
CA ILE F 33 18.81 6.36 -1.01
C ILE F 33 20.03 6.10 -1.85
N GLY F 34 20.08 4.94 -2.48
CA GLY F 34 21.10 4.63 -3.48
C GLY F 34 20.41 4.62 -4.82
N ILE F 35 21.04 5.26 -5.80
CA ILE F 35 20.44 5.33 -7.11
C ILE F 35 21.33 4.74 -8.18
N LYS F 36 20.69 4.27 -9.24
CA LYS F 36 21.39 3.71 -10.38
C LYS F 36 20.62 4.09 -11.64
N ARG F 37 21.36 4.23 -12.73
CA ARG F 37 20.82 4.40 -14.05
C ARG F 37 21.61 3.47 -15.00
N ASP F 38 20.92 2.63 -15.74
CA ASP F 38 21.57 1.73 -16.68
C ASP F 38 22.00 2.45 -17.94
N ASN F 39 23.19 2.09 -18.41
CA ASN F 39 23.77 2.58 -19.68
C ASN F 39 24.03 4.07 -19.78
N VAL F 40 23.63 4.79 -18.75
CA VAL F 40 23.95 6.20 -18.61
C VAL F 40 24.49 6.20 -17.20
N THR F 41 25.81 6.10 -17.07
CA THR F 41 26.39 5.94 -15.76
C THR F 41 26.19 7.20 -14.92
N LEU F 42 26.07 7.04 -13.61
CA LEU F 42 25.84 8.21 -12.77
C LEU F 42 27.10 8.67 -12.08
N PRO F 43 27.34 9.99 -12.06
CA PRO F 43 28.51 10.56 -11.38
C PRO F 43 28.34 10.50 -9.84
N ILE F 44 27.08 10.65 -9.40
CA ILE F 44 26.66 10.60 -7.99
C ILE F 44 25.65 9.49 -7.68
N HIS F 45 25.84 8.76 -6.58
CA HIS F 45 24.99 7.61 -6.26
C HIS F 45 24.25 7.70 -4.91
N ASN F 46 24.49 8.78 -4.16
CA ASN F 46 23.93 8.96 -2.81
C ASN F 46 23.22 10.29 -2.56
N MET F 47 22.03 10.21 -1.99
CA MET F 47 21.30 11.39 -1.50
C MET F 47 20.78 11.10 -0.11
N CYS F 48 20.93 12.05 0.79
CA CYS F 48 20.43 11.87 2.11
C CYS F 48 19.56 13.01 2.58
N LYS F 49 18.80 12.71 3.62
CA LYS F 49 18.07 13.69 4.40
C LYS F 49 18.34 13.43 5.88
N VAL F 50 18.67 14.49 6.60
CA VAL F 50 18.98 14.34 8.02
C VAL F 50 18.10 15.23 8.87
N ASP F 51 17.67 14.72 10.01
CA ASP F 51 16.76 15.45 10.87
C ASP F 51 17.26 15.40 12.29
N VAL F 52 17.64 16.56 12.83
CA VAL F 52 18.04 16.64 14.24
C VAL F 52 16.77 16.58 15.08
N PHE F 53 16.74 15.64 16.02
CA PHE F 53 15.55 15.46 16.84
C PHE F 53 15.27 16.72 17.63
N GLY F 54 14.03 17.19 17.55
CA GLY F 54 13.64 18.39 18.27
C GLY F 54 13.75 19.61 17.39
N SER F 55 14.25 19.46 16.17
CA SER F 55 14.29 20.61 15.27
C SER F 55 12.92 20.71 14.65
N HIS F 56 12.67 21.78 13.92
CA HIS F 56 11.35 21.91 13.33
C HIS F 56 11.19 21.10 12.06
N LYS F 57 9.93 20.81 11.79
CA LYS F 57 9.47 19.98 10.69
C LYS F 57 10.14 20.35 9.37
N GLN F 58 10.75 19.37 8.73
CA GLN F 58 11.43 19.59 7.45
C GLN F 58 11.06 18.57 6.37
N GLY F 59 9.95 17.87 6.58
CA GLY F 59 9.43 16.95 5.58
C GLY F 59 10.21 15.66 5.49
N PHE F 60 10.88 15.31 6.58
CA PHE F 60 11.63 14.06 6.68
C PHE F 60 10.74 12.82 6.47
N ASP F 61 9.58 12.77 7.11
CA ASP F 61 8.72 11.59 7.00
C ASP F 61 8.08 11.48 5.63
N ALA F 62 7.62 12.59 5.07
CA ALA F 62 6.99 12.59 3.77
C ALA F 62 8.00 12.15 2.72
N MET F 63 9.19 12.71 2.80
CA MET F 63 10.23 12.39 1.86
C MET F 63 10.61 10.92 1.94
N MET F 64 10.76 10.44 3.17
CA MET F 64 11.13 9.05 3.40
C MET F 64 10.02 8.13 2.88
N GLU F 65 8.78 8.57 3.04
CA GLU F 65 7.67 7.73 2.63
C GLU F 65 7.70 7.52 1.11
N MET F 66 7.95 8.58 0.34
CA MET F 66 8.04 8.46 -1.11
C MET F 66 9.23 7.59 -1.56
N ALA F 67 10.37 7.75 -0.89
CA ALA F 67 11.58 6.98 -1.23
C ALA F 67 11.30 5.49 -1.04
N LYS F 68 10.63 5.15 0.05
CA LYS F 68 10.31 3.78 0.36
C LYS F 68 9.41 3.21 -0.73
N TYR F 69 8.44 4.01 -1.17
CA TYR F 69 7.52 3.56 -2.21
C TYR F 69 8.27 3.33 -3.55
N TYR F 70 9.07 4.30 -3.95
CA TYR F 70 9.78 4.19 -5.23
C TYR F 70 10.83 3.07 -5.18
N TYR F 71 11.44 2.84 -4.03
CA TYR F 71 12.31 1.70 -3.87
C TYR F 71 11.54 0.38 -4.07
N ALA F 72 10.29 0.35 -3.58
CA ALA F 72 9.43 -0.81 -3.66
C ALA F 72 9.00 -1.11 -5.09
N THR F 73 8.66 -0.08 -5.86
CA THR F 73 8.20 -0.29 -7.24
C THR F 73 9.35 -0.43 -8.25
N GLY F 74 10.52 0.09 -7.90
CA GLY F 74 11.69 0.07 -8.80
C GLY F 74 11.55 1.00 -9.99
N GLU F 75 10.50 1.80 -9.94
CA GLU F 75 10.12 2.82 -10.91
C GLU F 75 11.23 3.75 -11.33
N SER F 76 11.09 4.33 -12.50
CA SER F 76 11.99 5.40 -12.89
C SER F 76 11.54 6.73 -12.35
N ILE F 77 12.45 7.44 -11.69
CA ILE F 77 12.09 8.72 -11.12
C ILE F 77 13.12 9.79 -11.44
N ARG F 78 12.75 11.04 -11.16
CA ARG F 78 13.71 12.14 -11.15
C ARG F 78 14.05 12.50 -9.71
N VAL F 79 15.34 12.68 -9.44
CA VAL F 79 15.80 13.01 -8.09
C VAL F 79 16.50 14.36 -8.03
N TYR F 80 15.98 15.26 -7.18
CA TYR F 80 16.58 16.57 -6.96
C TYR F 80 17.46 16.61 -5.70
N TYR F 81 18.64 17.22 -5.81
CA TYR F 81 19.55 17.27 -4.66
C TYR F 81 20.28 18.59 -4.58
N LYS F 82 20.79 18.88 -3.38
CA LYS F 82 21.70 19.99 -3.24
C LYS F 82 22.90 19.60 -2.37
N GLU F 83 23.93 20.43 -2.38
CA GLU F 83 25.11 20.16 -1.58
C GLU F 83 24.88 20.59 -0.15
N ASN F 84 25.04 19.65 0.77
CA ASN F 84 25.03 19.98 2.17
C ASN F 84 26.15 19.21 2.81
N VAL F 85 27.27 19.88 3.01
CA VAL F 85 28.39 19.26 3.66
C VAL F 85 27.95 19.23 5.14
N TRP F 86 27.64 18.03 5.61
CA TRP F 86 27.01 17.81 6.91
C TRP F 86 27.96 18.17 8.07
N SER F 87 27.48 18.01 9.29
CA SER F 87 28.28 18.30 10.50
C SER F 87 29.12 17.12 11.00
N ASP F 88 28.55 15.91 10.93
CA ASP F 88 29.34 14.74 11.22
C ASP F 88 30.05 14.40 9.92
N SER F 89 31.37 14.21 9.97
CA SER F 89 32.04 13.96 8.71
C SER F 89 32.39 12.48 8.62
N GLU F 90 32.05 11.74 9.67
CA GLU F 90 32.04 10.28 9.60
C GLU F 90 30.76 9.88 8.84
N PHE F 91 29.78 10.77 8.88
CA PHE F 91 28.54 10.60 8.13
C PHE F 91 28.80 10.75 6.63
N LYS F 92 29.56 11.76 6.24
CA LYS F 92 29.84 11.99 4.83
C LYS F 92 30.76 10.94 4.18
N LYS F 93 31.65 10.33 4.95
CA LYS F 93 32.49 9.27 4.42
C LYS F 93 31.59 8.08 4.04
N ALA F 94 30.44 7.96 4.69
CA ALA F 94 29.55 6.85 4.39
C ALA F 94 28.51 7.20 3.33
N PHE F 95 27.96 8.42 3.40
CA PHE F 95 26.77 8.77 2.63
C PHE F 95 26.93 10.00 1.73
N SER F 96 28.15 10.54 1.70
CA SER F 96 28.50 11.67 0.85
C SER F 96 27.75 12.92 1.28
N THR F 97 27.98 14.01 0.55
CA THR F 97 27.46 15.30 0.95
C THR F 97 26.25 15.78 0.17
N ASN F 98 25.41 14.86 -0.29
CA ASN F 98 24.28 15.29 -1.12
C ASN F 98 22.95 15.21 -0.38
N GLU F 99 22.22 16.31 -0.35
CA GLU F 99 20.93 16.33 0.31
C GLU F 99 19.77 16.19 -0.69
N LEU F 100 18.94 15.18 -0.47
CA LEU F 100 17.72 14.97 -1.26
C LEU F 100 16.68 16.06 -0.94
N ILE F 101 16.15 16.73 -1.97
CA ILE F 101 15.16 17.78 -1.75
C ILE F 101 13.81 17.49 -2.43
N SER F 102 13.80 16.65 -3.45
CA SER F 102 12.56 16.37 -4.15
C SER F 102 12.61 15.05 -4.95
N LEU F 103 11.45 14.38 -5.04
CA LEU F 103 11.29 13.15 -5.80
C LEU F 103 10.10 13.27 -6.74
N SER F 104 10.29 12.88 -7.99
CA SER F 104 9.25 12.97 -9.01
C SER F 104 9.21 11.72 -9.88
N THR F 105 8.03 11.37 -10.37
CA THR F 105 7.92 10.25 -11.28
C THR F 105 8.35 10.66 -12.69
N CYS F 106 8.66 9.66 -13.49
CA CYS F 106 8.91 9.85 -14.92
C CYS F 106 7.86 9.06 -15.69
N SER F 107 6.94 9.75 -16.35
CA SER F 107 5.93 9.03 -17.11
C SER F 107 6.56 8.36 -18.33
N SER F 108 7.62 8.96 -18.85
CA SER F 108 8.38 8.31 -19.91
C SER F 108 9.89 8.59 -19.76
N SER F 109 10.71 7.92 -20.58
CA SER F 109 12.17 7.99 -20.48
C SER F 109 12.88 9.28 -20.96
N ASP F 110 12.15 10.27 -21.46
CA ASP F 110 12.69 11.64 -21.54
C ASP F 110 11.56 12.65 -21.30
N TYR F 111 10.76 12.36 -20.28
CA TYR F 111 9.89 13.34 -19.63
C TYR F 111 9.76 12.96 -18.16
N CYS F 112 10.05 13.93 -17.29
CA CYS F 112 9.85 13.80 -15.85
C CYS F 112 9.08 15.00 -15.31
N MET F 113 8.25 14.75 -14.30
CA MET F 113 7.47 15.81 -13.68
C MET F 113 8.44 16.72 -12.91
N GLY F 114 8.12 18.01 -12.85
CA GLY F 114 8.93 18.97 -12.12
C GLY F 114 9.67 19.98 -12.98
N PRO F 115 10.30 20.98 -12.35
CA PRO F 115 11.08 22.07 -12.97
C PRO F 115 12.32 21.59 -13.71
N GLN F 116 12.68 22.27 -14.80
CA GLN F 116 13.90 21.95 -15.57
C GLN F 116 14.62 23.21 -15.99
#